data_8ITM
#
_entry.id   8ITM
#
_cell.length_a   1.00
_cell.length_b   1.00
_cell.length_c   1.00
_cell.angle_alpha   90.00
_cell.angle_beta   90.00
_cell.angle_gamma   90.00
#
_symmetry.space_group_name_H-M   'P 1'
#
loop_
_entity.id
_entity.type
_entity.pdbx_description
1 polymer 'Gastric inhibitory polypeptide receptor'
2 polymer 'Guanine nucleotide-binding protein G(s) subunit alpha isoforms short'
3 polymer 'Guanine nucleotide-binding protein G(I)/G(S)/G(T) subunit beta-1'
4 polymer 'Guanine nucleotide-binding protein G(I)/G(S)/G(O) subunit gamma-2'
5 polymer Nanobody-35
#
loop_
_entity_poly.entity_id
_entity_poly.type
_entity_poly.pdbx_seq_one_letter_code
_entity_poly.pdbx_strand_id
1 'polypeptide(L)'
;MNSAHCNFRLPGSSDSPASASREAGITEAGITVAAGFVLRQCGSDGQWGLWRDHTQCENPEKNEAFLDQRLILERLQVMY
TVGYSLSLATLLLALLILSLFRRLHCTRNYIHINLFTSFMLRAAAILSRDRLLPRPGPYLGDQALALWNQALAACRTAQI
VTQYCVGANYTWLLVEGVYLHSLLVLVGGSEEGHFRYYLLLGWGAPALFVIPWVIVRYLYENTQCWERNEVKAIWWIIRT
PILMTILINFLIFIRILGILLSKLRTRQMRCRDYRLRLARSTLFLVPLLGVHEVVFAPVTEEQARGALRFAKLGFEIFLS
SFQGFLVSVLYCFINKEVQSEIRRGWHHCRLRRSLGEEQR
;
R
2 'polypeptide(L)'
;MGCLGNSKTEDQRNEEKAQREANKKIEKQLQKDKQVYRATHRLLLLGAGESGKNTIVKQMRILHVNGFNGEGGEEDPQAA
RSNSDGEKATKVQDIKNNLKEAIETIVAAMSNLVPPVELANPENQFRVDYILSVMNVPDFDFPPEFYEHAKALWEDEGVR
ACYERSNEYQLIDCAQYFLDKIDVIKQDDYVPSDQDLLRCRVLTSGIFETKFQVDKVNFHMFDVGAQRDERRKWIQCFND
VTAIIFVVASSSYNMVIREDNQTNRLQAALKLFDSIWNNKWLRDTSVILFLNKQDLLAEKVLAGKSKIEDYFPEFARYTT
PEDATPEPGEDPRVTRAKYFIRDEFLRISTASGDGRHYCYPHFTCAVDTENIRRVFNDCRDIIQRMHLRQYELL
;
A
3 'polypeptide(L)'
;MGSLLQSELDQLRQEAEQLKNQIRDARKACADATLSQITNNIDPVGRIQMRTRRTLRGHLAKIYAMHWGTDSRLLVSASQ
DGKLIIWDSYTTNKVHAIPLRSSWVMTCAYAPSGNYVACGGLDNICSIYNLKTREGNVRVSRELAGHTGYLSCCRFLDDN
QIVTSSGDTTCALWDIETGQQTTTFTGHTGDVMSLSLAPDTRLFVSGACDASAKLWDVREGMCRQTFTGHESDINAICFF
PNGNAFATGSDDATCRLFDLRADQELMTYSHDNIICGITSVSFSKSGRLLLAGYDDFNCNVWDALKADRAGVLAGHDNRV
SCLGVTDDGMAVATGSWDSFLKIWNGSSGGGGSGGGGSSGVSGWRLFKKIS
;
B
4 'polypeptide(L)' MASNNTASIAQARKLVEQLKMEANIDRIKVSKAAADLMAYCEAHAKEDPLLTPVPASENPFREKKFFCAIL G
5 'polypeptide(L)'
;QVQLQESGGGLVQPGGSLRLSCAASGFTFSNYKMNWVRQAPGKGLEWVSDISQSGASISYTGSVKGRFTISRDNAKNTLY
LQMNSLKPEDTAVYYCARCPAPFTRDCFDVTSTTYAYRGQGTQVTVSS
;
N
#
# COMPACT_ATOMS: atom_id res chain seq x y z
N ASN A 63 -61.11 30.68 -18.80
CA ASN A 63 -61.22 29.70 -19.89
C ASN A 63 -60.50 28.40 -19.53
N GLU A 64 -60.72 27.38 -20.36
CA GLU A 64 -60.00 26.11 -20.17
C GLU A 64 -58.50 26.31 -20.31
N ALA A 65 -58.08 27.09 -21.30
CA ALA A 65 -56.65 27.37 -21.46
C ALA A 65 -56.10 28.12 -20.25
N PHE A 66 -56.84 29.13 -19.76
CA PHE A 66 -56.38 29.88 -18.60
C PHE A 66 -56.27 28.99 -17.37
N LEU A 67 -57.24 28.08 -17.18
CA LEU A 67 -57.12 27.10 -16.12
C LEU A 67 -55.88 26.23 -16.31
N ASP A 68 -55.54 25.93 -17.57
CA ASP A 68 -54.34 25.16 -17.85
C ASP A 68 -53.08 25.92 -17.42
N GLN A 69 -52.99 27.21 -17.74
CA GLN A 69 -51.82 27.96 -17.26
C GLN A 69 -51.80 28.06 -15.75
N ARG A 70 -52.96 28.24 -15.11
CA ARG A 70 -52.98 28.28 -13.66
C ARG A 70 -52.47 26.96 -13.06
N LEU A 71 -52.93 25.83 -13.62
CA LEU A 71 -52.50 24.54 -13.12
C LEU A 71 -51.00 24.33 -13.33
N ILE A 72 -50.49 24.69 -14.51
CA ILE A 72 -49.06 24.45 -14.76
C ILE A 72 -48.20 25.38 -13.93
N LEU A 73 -48.65 26.62 -13.69
CA LEU A 73 -47.92 27.52 -12.80
C LEU A 73 -47.90 26.98 -11.38
N GLU A 74 -49.02 26.46 -10.89
CA GLU A 74 -49.03 25.85 -9.57
C GLU A 74 -48.10 24.66 -9.51
N ARG A 75 -48.11 23.82 -10.55
CA ARG A 75 -47.24 22.64 -10.58
C ARG A 75 -45.78 23.03 -10.59
N LEU A 76 -45.41 24.04 -11.40
CA LEU A 76 -44.01 24.46 -11.43
C LEU A 76 -43.60 25.11 -10.13
N GLN A 77 -44.50 25.83 -9.47
CA GLN A 77 -44.15 26.42 -8.17
C GLN A 77 -43.92 25.36 -7.11
N VAL A 78 -44.80 24.35 -7.06
CA VAL A 78 -44.60 23.29 -6.07
C VAL A 78 -43.35 22.47 -6.40
N MET A 79 -43.07 22.27 -7.69
CA MET A 79 -41.83 21.59 -8.07
C MET A 79 -40.60 22.42 -7.71
N TYR A 80 -40.70 23.74 -7.85
CA TYR A 80 -39.66 24.65 -7.41
C TYR A 80 -39.36 24.47 -5.92
N THR A 81 -40.41 24.50 -5.10
CA THR A 81 -40.23 24.32 -3.66
C THR A 81 -39.67 22.95 -3.35
N VAL A 82 -40.16 21.91 -4.02
CA VAL A 82 -39.69 20.55 -3.78
C VAL A 82 -38.21 20.43 -4.17
N GLY A 83 -37.82 21.05 -5.28
CA GLY A 83 -36.44 20.98 -5.71
C GLY A 83 -35.51 21.68 -4.74
N TYR A 84 -35.91 22.85 -4.23
CA TYR A 84 -35.07 23.49 -3.21
C TYR A 84 -35.01 22.67 -1.94
N SER A 85 -36.13 22.04 -1.54
CA SER A 85 -36.09 21.19 -0.37
C SER A 85 -35.13 20.02 -0.56
N LEU A 86 -35.16 19.40 -1.73
CA LEU A 86 -34.25 18.30 -2.03
C LEU A 86 -32.80 18.79 -2.05
N SER A 87 -32.57 20.00 -2.56
CA SER A 87 -31.24 20.57 -2.54
C SER A 87 -30.75 20.73 -1.10
N LEU A 88 -31.59 21.26 -0.23
CA LEU A 88 -31.21 21.37 1.19
C LEU A 88 -30.90 20.01 1.77
N ALA A 89 -31.75 19.02 1.51
CA ALA A 89 -31.54 17.70 2.10
C ALA A 89 -30.20 17.11 1.67
N THR A 90 -29.93 17.13 0.36
CA THR A 90 -28.70 16.55 -0.15
C THR A 90 -27.48 17.33 0.34
N LEU A 91 -27.58 18.66 0.39
CA LEU A 91 -26.46 19.46 0.84
C LEU A 91 -26.14 19.21 2.32
N LEU A 92 -27.18 19.11 3.16
CA LEU A 92 -26.93 18.75 4.56
C LEU A 92 -26.32 17.36 4.67
N LEU A 93 -26.80 16.41 3.87
CA LEU A 93 -26.17 15.09 3.86
C LEU A 93 -24.69 15.20 3.56
N ALA A 94 -24.34 15.99 2.54
CA ALA A 94 -22.93 16.16 2.17
C ALA A 94 -22.12 16.78 3.30
N LEU A 95 -22.66 17.81 3.95
CA LEU A 95 -21.94 18.44 5.06
C LEU A 95 -21.72 17.46 6.21
N LEU A 96 -22.75 16.69 6.57
CA LEU A 96 -22.57 15.72 7.64
C LEU A 96 -21.52 14.70 7.29
N ILE A 97 -21.55 14.17 6.07
CA ILE A 97 -20.56 13.18 5.66
C ILE A 97 -19.15 13.78 5.76
N LEU A 98 -18.96 14.95 5.16
CA LEU A 98 -17.62 15.51 5.03
C LEU A 98 -17.07 16.00 6.37
N SER A 99 -17.92 16.48 7.26
CA SER A 99 -17.45 17.02 8.53
C SER A 99 -17.52 16.02 9.68
N LEU A 100 -18.10 14.84 9.47
CA LEU A 100 -18.14 13.82 10.51
C LEU A 100 -17.24 12.64 10.20
N PHE A 101 -17.01 12.34 8.93
CA PHE A 101 -16.28 11.13 8.57
C PHE A 101 -14.81 11.21 8.95
N ARG A 102 -14.21 12.39 8.79
CA ARG A 102 -12.91 12.75 9.38
C ARG A 102 -11.75 12.03 8.71
N ARG A 103 -12.03 11.04 7.87
CA ARG A 103 -10.95 10.43 7.09
C ARG A 103 -10.67 11.19 5.81
N LEU A 104 -11.43 12.26 5.55
CA LEU A 104 -11.30 13.06 4.33
C LEU A 104 -11.20 14.52 4.78
N HIS A 105 -9.98 14.96 5.09
CA HIS A 105 -9.71 16.33 5.53
C HIS A 105 -8.49 16.83 4.76
N CYS A 106 -8.75 17.41 3.59
CA CYS A 106 -7.71 17.97 2.74
C CYS A 106 -8.24 19.24 2.11
N THR A 107 -7.39 19.89 1.32
CA THR A 107 -7.80 21.15 0.68
C THR A 107 -8.97 20.91 -0.27
N ARG A 108 -8.98 19.79 -0.96
CA ARG A 108 -10.06 19.49 -1.88
C ARG A 108 -11.40 19.40 -1.15
N ASN A 109 -11.45 18.63 -0.08
CA ASN A 109 -12.71 18.49 0.66
C ASN A 109 -13.08 19.76 1.41
N TYR A 110 -12.08 20.55 1.82
CA TYR A 110 -12.39 21.84 2.44
C TYR A 110 -13.05 22.77 1.43
N ILE A 111 -12.54 22.80 0.20
CA ILE A 111 -13.18 23.58 -0.85
C ILE A 111 -14.59 23.08 -1.11
N HIS A 112 -14.78 21.76 -1.10
CA HIS A 112 -16.12 21.21 -1.28
C HIS A 112 -17.07 21.64 -0.16
N ILE A 113 -16.58 21.63 1.08
CA ILE A 113 -17.40 22.04 2.21
C ILE A 113 -17.80 23.51 2.09
N ASN A 114 -16.85 24.37 1.71
CA ASN A 114 -17.16 25.79 1.56
C ASN A 114 -18.15 26.01 0.43
N LEU A 115 -17.99 25.30 -0.69
CA LEU A 115 -18.97 25.41 -1.77
C LEU A 115 -20.35 25.00 -1.31
N PHE A 116 -20.44 23.89 -0.57
CA PHE A 116 -21.74 23.42 -0.13
C PHE A 116 -22.37 24.33 0.91
N THR A 117 -21.57 24.99 1.76
CA THR A 117 -22.16 25.94 2.70
C THR A 117 -22.57 27.23 2.02
N SER A 118 -21.89 27.64 0.95
CA SER A 118 -22.41 28.72 0.13
C SER A 118 -23.76 28.34 -0.46
N PHE A 119 -23.91 27.07 -0.84
CA PHE A 119 -25.20 26.60 -1.34
C PHE A 119 -26.26 26.58 -0.24
N MET A 120 -25.88 26.20 0.99
CA MET A 120 -26.73 26.47 2.15
C MET A 120 -27.27 27.89 2.12
N LEU A 121 -26.34 28.85 2.08
CA LEU A 121 -26.74 30.26 2.15
C LEU A 121 -27.72 30.60 1.04
N ARG A 122 -27.41 30.19 -0.18
CA ARG A 122 -28.27 30.58 -1.30
C ARG A 122 -29.65 29.94 -1.19
N ALA A 123 -29.69 28.62 -0.99
CA ALA A 123 -30.96 27.91 -1.02
C ALA A 123 -31.80 28.19 0.22
N ALA A 124 -31.19 28.71 1.29
CA ALA A 124 -31.98 29.15 2.44
C ALA A 124 -32.47 30.58 2.30
N ALA A 125 -31.59 31.48 1.82
CA ALA A 125 -31.99 32.87 1.66
C ALA A 125 -33.10 33.01 0.64
N ILE A 126 -33.00 32.30 -0.49
CA ILE A 126 -34.04 32.43 -1.51
C ILE A 126 -35.37 31.91 -0.99
N LEU A 127 -35.34 30.78 -0.26
CA LEU A 127 -36.58 30.23 0.28
C LEU A 127 -37.20 31.17 1.32
N SER A 128 -36.38 31.74 2.20
CA SER A 128 -36.90 32.66 3.20
C SER A 128 -37.48 33.91 2.54
N ARG A 129 -36.80 34.44 1.52
CA ARG A 129 -37.30 35.62 0.83
C ARG A 129 -38.63 35.31 0.14
N ASP A 130 -38.74 34.14 -0.50
CA ASP A 130 -39.99 33.77 -1.15
C ASP A 130 -41.10 33.59 -0.14
N ARG A 131 -40.79 32.99 1.02
CA ARG A 131 -41.81 32.77 2.04
C ARG A 131 -42.28 34.08 2.66
N LEU A 132 -41.38 35.03 2.88
CA LEU A 132 -41.71 36.30 3.49
C LEU A 132 -42.09 37.37 2.48
N LEU A 133 -42.13 37.04 1.20
CA LEU A 133 -42.53 38.02 0.19
C LEU A 133 -44.01 38.35 0.36
N PRO A 134 -44.37 39.64 0.50
CA PRO A 134 -45.76 40.05 0.69
C PRO A 134 -46.59 39.92 -0.58
N ASN A 149 -40.98 49.49 9.78
CA ASN A 149 -41.71 48.34 9.27
C ASN A 149 -40.82 47.09 9.27
N GLN A 150 -41.28 46.05 9.96
CA GLN A 150 -40.51 44.81 10.04
C GLN A 150 -40.42 44.11 8.69
N ALA A 151 -41.53 44.10 7.93
CA ALA A 151 -41.55 43.37 6.67
C ALA A 151 -40.57 43.97 5.67
N LEU A 152 -40.49 45.30 5.59
CA LEU A 152 -39.58 45.94 4.64
C LEU A 152 -38.13 45.62 4.98
N ALA A 153 -37.77 45.72 6.27
CA ALA A 153 -36.41 45.40 6.67
C ALA A 153 -36.07 43.93 6.42
N ALA A 154 -37.01 43.04 6.71
CA ALA A 154 -36.77 41.62 6.47
C ALA A 154 -36.57 41.34 4.97
N CYS A 155 -37.41 41.94 4.13
CA CYS A 155 -37.26 41.74 2.69
C CYS A 155 -35.94 42.29 2.19
N ARG A 156 -35.54 43.47 2.67
CA ARG A 156 -34.27 44.06 2.25
C ARG A 156 -33.10 43.19 2.65
N THR A 157 -33.10 42.72 3.90
CA THR A 157 -32.00 41.86 4.37
C THR A 157 -31.95 40.57 3.60
N ALA A 158 -33.11 39.95 3.35
CA ALA A 158 -33.15 38.71 2.60
C ALA A 158 -32.63 38.91 1.18
N GLN A 159 -33.00 40.02 0.55
CA GLN A 159 -32.52 40.27 -0.81
C GLN A 159 -31.01 40.51 -0.83
N ILE A 160 -30.48 41.24 0.15
CA ILE A 160 -29.04 41.47 0.19
C ILE A 160 -28.31 40.15 0.38
N VAL A 161 -28.80 39.30 1.28
CA VAL A 161 -28.18 37.99 1.49
C VAL A 161 -28.26 37.16 0.22
N THR A 162 -29.39 37.21 -0.48
CA THR A 162 -29.55 36.46 -1.72
C THR A 162 -28.54 36.90 -2.77
N GLN A 163 -28.34 38.22 -2.92
CA GLN A 163 -27.36 38.69 -3.87
C GLN A 163 -25.95 38.25 -3.49
N TYR A 164 -25.62 38.35 -2.22
CA TYR A 164 -24.28 37.94 -1.78
C TYR A 164 -24.05 36.46 -2.06
N CYS A 165 -25.04 35.62 -1.76
CA CYS A 165 -24.82 34.20 -1.94
C CYS A 165 -24.87 33.76 -3.40
N VAL A 166 -25.66 34.42 -4.25
CA VAL A 166 -25.61 34.07 -5.66
C VAL A 166 -24.27 34.49 -6.25
N GLY A 167 -23.65 35.54 -5.70
CA GLY A 167 -22.26 35.79 -6.05
C GLY A 167 -21.32 34.71 -5.54
N ALA A 168 -21.51 34.31 -4.28
CA ALA A 168 -20.58 33.38 -3.63
C ALA A 168 -20.59 32.01 -4.29
N ASN A 169 -21.74 31.56 -4.80
CA ASN A 169 -21.79 30.25 -5.43
C ASN A 169 -20.86 30.18 -6.63
N TYR A 170 -20.97 31.16 -7.54
CA TYR A 170 -20.11 31.18 -8.70
C TYR A 170 -18.66 31.47 -8.33
N THR A 171 -18.44 32.29 -7.30
CA THR A 171 -17.07 32.54 -6.87
C THR A 171 -16.41 31.26 -6.35
N TRP A 172 -17.16 30.42 -5.63
CA TRP A 172 -16.60 29.18 -5.13
C TRP A 172 -16.43 28.13 -6.21
N LEU A 173 -17.33 28.10 -7.20
CA LEU A 173 -17.07 27.26 -8.36
C LEU A 173 -15.80 27.68 -9.08
N LEU A 174 -15.57 28.99 -9.19
CA LEU A 174 -14.33 29.48 -9.77
C LEU A 174 -13.12 29.08 -8.94
N VAL A 175 -13.26 29.14 -7.61
CA VAL A 175 -12.16 28.73 -6.73
C VAL A 175 -11.83 27.27 -6.95
N GLU A 176 -12.84 26.42 -7.07
CA GLU A 176 -12.59 25.01 -7.34
C GLU A 176 -11.88 24.81 -8.68
N GLY A 177 -12.35 25.50 -9.72
CA GLY A 177 -11.71 25.36 -11.02
C GLY A 177 -10.26 25.82 -11.00
N VAL A 178 -9.99 26.94 -10.34
CA VAL A 178 -8.63 27.45 -10.23
C VAL A 178 -7.76 26.48 -9.45
N TYR A 179 -8.29 25.92 -8.36
CA TYR A 179 -7.50 24.97 -7.58
C TYR A 179 -7.15 23.74 -8.40
N LEU A 180 -8.13 23.17 -9.11
CA LEU A 180 -7.83 21.98 -9.90
C LEU A 180 -6.84 22.28 -11.03
N HIS A 181 -7.01 23.42 -11.70
CA HIS A 181 -6.08 23.77 -12.77
C HIS A 181 -4.67 23.97 -12.23
N SER A 182 -4.53 24.64 -11.08
CA SER A 182 -3.20 24.85 -10.51
C SER A 182 -2.58 23.54 -10.06
N LEU A 183 -3.39 22.67 -9.46
CA LEU A 183 -2.93 21.34 -9.07
C LEU A 183 -2.56 20.47 -10.25
N LEU A 184 -3.10 20.74 -11.43
CA LEU A 184 -2.86 19.91 -12.61
C LEU A 184 -1.77 20.46 -13.53
N VAL A 185 -1.49 21.75 -13.50
CA VAL A 185 -0.62 22.38 -14.48
C VAL A 185 0.69 22.86 -13.87
N LEU A 186 0.64 23.61 -12.77
CA LEU A 186 1.84 24.16 -12.18
C LEU A 186 2.83 23.06 -11.82
N VAL A 187 4.08 23.24 -12.25
CA VAL A 187 5.10 22.20 -12.14
C VAL A 187 5.86 22.40 -10.83
N GLY A 188 5.99 21.32 -10.07
CA GLY A 188 6.69 21.37 -8.80
C GLY A 188 5.88 22.09 -7.73
N GLY A 189 6.49 22.18 -6.55
CA GLY A 189 5.88 22.88 -5.45
C GLY A 189 4.80 22.08 -4.74
N SER A 190 3.66 21.90 -5.41
CA SER A 190 2.50 21.21 -4.85
C SER A 190 2.13 21.78 -3.48
N GLU A 191 2.08 23.12 -3.43
CA GLU A 191 1.78 23.82 -2.19
C GLU A 191 0.34 23.58 -1.71
N GLU A 192 0.18 23.60 -0.39
CA GLU A 192 -1.16 23.47 0.21
C GLU A 192 -1.47 24.70 1.05
N GLY A 193 -0.57 25.68 1.08
CA GLY A 193 -0.72 26.86 1.90
C GLY A 193 -1.51 28.00 1.30
N HIS A 194 -2.02 27.85 0.08
CA HIS A 194 -2.80 28.89 -0.56
C HIS A 194 -4.28 28.81 -0.24
N PHE A 195 -4.68 27.91 0.65
CA PHE A 195 -6.09 27.81 1.03
C PHE A 195 -6.60 29.10 1.64
N ARG A 196 -5.73 29.85 2.33
CA ARG A 196 -6.14 31.15 2.84
C ARG A 196 -6.51 32.10 1.70
N TYR A 197 -5.69 32.12 0.65
CA TYR A 197 -6.01 32.95 -0.51
C TYR A 197 -7.31 32.50 -1.17
N TYR A 198 -7.48 31.18 -1.32
CA TYR A 198 -8.70 30.66 -1.94
C TYR A 198 -9.93 31.03 -1.13
N LEU A 199 -9.86 30.87 0.19
CA LEU A 199 -11.00 31.18 1.05
C LEU A 199 -11.30 32.67 1.03
N LEU A 200 -10.26 33.51 1.09
CA LEU A 200 -10.46 34.95 1.02
C LEU A 200 -11.15 35.33 -0.28
N LEU A 201 -10.67 34.82 -1.41
CA LEU A 201 -11.31 35.12 -2.68
C LEU A 201 -12.77 34.67 -2.67
N GLY A 202 -13.00 33.41 -2.30
CA GLY A 202 -14.32 32.83 -2.40
C GLY A 202 -15.36 33.55 -1.57
N TRP A 203 -15.01 33.94 -0.34
CA TRP A 203 -15.97 34.58 0.54
C TRP A 203 -15.83 36.10 0.58
N GLY A 204 -14.94 36.69 -0.22
CA GLY A 204 -14.81 38.12 -0.20
C GLY A 204 -15.09 38.82 -1.50
N ALA A 205 -14.84 38.17 -2.64
CA ALA A 205 -15.15 38.79 -3.92
C ALA A 205 -16.63 39.14 -4.05
N PRO A 206 -17.57 38.26 -3.71
CA PRO A 206 -18.98 38.67 -3.75
C PRO A 206 -19.30 39.85 -2.84
N ALA A 207 -18.71 39.91 -1.66
CA ALA A 207 -18.94 41.04 -0.77
C ALA A 207 -18.46 42.34 -1.41
N LEU A 208 -17.26 42.30 -1.99
CA LEU A 208 -16.70 43.49 -2.62
C LEU A 208 -17.51 43.91 -3.84
N PHE A 209 -18.12 42.96 -4.54
CA PHE A 209 -18.90 43.30 -5.72
C PHE A 209 -20.38 43.54 -5.42
N VAL A 210 -20.82 43.31 -4.19
CA VAL A 210 -22.20 43.54 -3.79
C VAL A 210 -22.35 44.84 -3.01
N ILE A 211 -21.40 45.16 -2.12
CA ILE A 211 -21.56 46.35 -1.28
C ILE A 211 -21.76 47.64 -2.07
N PRO A 212 -21.03 47.90 -3.17
CA PRO A 212 -21.36 49.14 -3.91
C PRO A 212 -22.77 49.14 -4.44
N TRP A 213 -23.27 47.98 -4.86
CA TRP A 213 -24.62 47.91 -5.41
C TRP A 213 -25.67 48.22 -4.33
N VAL A 214 -25.51 47.63 -3.14
CA VAL A 214 -26.49 47.88 -2.09
C VAL A 214 -26.41 49.33 -1.61
N ILE A 215 -25.20 49.89 -1.53
CA ILE A 215 -25.07 51.28 -1.14
C ILE A 215 -25.74 52.20 -2.16
N VAL A 216 -25.50 51.96 -3.45
CA VAL A 216 -26.07 52.83 -4.46
C VAL A 216 -27.59 52.65 -4.54
N ARG A 217 -28.09 51.45 -4.32
CA ARG A 217 -29.53 51.23 -4.36
C ARG A 217 -30.21 51.81 -3.12
N TYR A 218 -29.51 51.89 -1.99
CA TYR A 218 -30.07 52.54 -0.81
C TYR A 218 -30.06 54.05 -0.97
N LEU A 219 -28.98 54.60 -1.55
CA LEU A 219 -28.88 56.05 -1.69
C LEU A 219 -29.81 56.58 -2.78
N TYR A 220 -29.87 55.89 -3.93
CA TYR A 220 -30.68 56.33 -5.06
C TYR A 220 -31.63 55.21 -5.45
N GLU A 221 -32.76 55.61 -6.04
CA GLU A 221 -33.86 54.73 -6.46
C GLU A 221 -34.09 53.62 -5.43
N ASN A 222 -34.27 54.04 -4.18
CA ASN A 222 -34.54 53.10 -3.09
C ASN A 222 -35.96 52.60 -3.18
N THR A 223 -36.15 51.42 -3.77
CA THR A 223 -37.45 50.79 -3.82
C THR A 223 -37.78 50.22 -2.44
N GLN A 224 -38.95 49.57 -2.33
CA GLN A 224 -39.39 49.03 -1.05
C GLN A 224 -38.39 48.06 -0.45
N CYS A 225 -38.16 46.92 -1.09
CA CYS A 225 -37.03 46.06 -0.74
C CYS A 225 -36.25 45.60 -1.96
N TRP A 226 -36.94 45.30 -3.06
CA TRP A 226 -36.28 44.89 -4.29
C TRP A 226 -37.27 45.04 -5.43
N GLU A 227 -36.72 45.12 -6.64
CA GLU A 227 -37.51 45.17 -7.85
C GLU A 227 -36.61 44.76 -9.00
N ARG A 228 -37.21 44.31 -10.09
CA ARG A 228 -36.47 44.03 -11.30
C ARG A 228 -35.68 45.27 -11.70
N ASN A 229 -34.38 45.09 -11.98
CA ASN A 229 -33.50 46.23 -12.19
C ASN A 229 -34.01 47.11 -13.32
N GLU A 230 -34.48 48.30 -12.98
CA GLU A 230 -35.02 49.22 -13.97
C GLU A 230 -33.93 49.93 -14.76
N VAL A 231 -32.71 49.92 -14.27
CA VAL A 231 -31.59 50.59 -14.91
C VAL A 231 -30.53 49.57 -15.27
N LYS A 232 -30.03 49.65 -16.51
CA LYS A 232 -28.93 48.80 -16.91
C LYS A 232 -27.70 49.05 -16.04
N ALA A 233 -27.54 50.27 -15.54
CA ALA A 233 -26.44 50.57 -14.63
C ALA A 233 -26.61 49.92 -13.25
N ILE A 234 -27.80 49.38 -12.96
CA ILE A 234 -28.03 48.71 -11.69
C ILE A 234 -28.00 47.20 -11.92
N TRP A 235 -28.42 46.76 -13.11
CA TRP A 235 -28.30 45.35 -13.44
C TRP A 235 -26.84 44.95 -13.63
N TRP A 236 -26.09 45.78 -14.36
CA TRP A 236 -24.70 45.45 -14.66
C TRP A 236 -23.83 45.47 -13.40
N ILE A 237 -24.07 46.41 -12.50
CA ILE A 237 -23.22 46.53 -11.32
C ILE A 237 -23.26 45.27 -10.46
N ILE A 238 -24.27 44.43 -10.63
CA ILE A 238 -24.37 43.18 -9.88
C ILE A 238 -24.23 41.96 -10.76
N ARG A 239 -24.33 42.10 -12.09
CA ARG A 239 -24.17 40.94 -12.97
C ARG A 239 -22.80 40.83 -13.62
N THR A 240 -22.08 41.93 -13.77
CA THR A 240 -20.80 41.90 -14.49
C THR A 240 -19.76 41.01 -13.82
N PRO A 241 -19.51 41.10 -12.50
CA PRO A 241 -18.55 40.17 -11.90
C PRO A 241 -18.94 38.72 -12.05
N ILE A 242 -20.25 38.42 -12.04
CA ILE A 242 -20.69 37.05 -12.25
C ILE A 242 -20.29 36.57 -13.64
N LEU A 243 -20.51 37.41 -14.66
CA LEU A 243 -20.11 37.04 -16.01
C LEU A 243 -18.60 36.90 -16.14
N MET A 244 -17.84 37.78 -15.48
CA MET A 244 -16.39 37.67 -15.53
C MET A 244 -15.92 36.35 -14.93
N THR A 245 -16.43 36.01 -13.74
CA THR A 245 -16.03 34.77 -13.08
C THR A 245 -16.44 33.56 -13.92
N ILE A 246 -17.64 33.58 -14.50
CA ILE A 246 -18.07 32.43 -15.26
C ILE A 246 -17.29 32.31 -16.57
N LEU A 247 -16.83 33.43 -17.13
CA LEU A 247 -15.97 33.37 -18.30
C LEU A 247 -14.60 32.77 -17.96
N ILE A 248 -14.04 33.17 -16.83
CA ILE A 248 -12.78 32.55 -16.39
C ILE A 248 -12.97 31.06 -16.17
N ASN A 249 -14.13 30.67 -15.61
CA ASN A 249 -14.41 29.24 -15.44
C ASN A 249 -14.51 28.53 -16.78
N PHE A 250 -15.15 29.15 -17.76
CA PHE A 250 -15.22 28.53 -19.07
C PHE A 250 -13.82 28.31 -19.63
N LEU A 251 -12.96 29.32 -19.55
CA LEU A 251 -11.60 29.17 -20.08
C LEU A 251 -10.82 28.10 -19.33
N ILE A 252 -10.90 28.10 -18.00
CA ILE A 252 -10.14 27.15 -17.21
C ILE A 252 -10.61 25.72 -17.47
N PHE A 253 -11.93 25.51 -17.56
CA PHE A 253 -12.42 24.18 -17.85
C PHE A 253 -12.14 23.76 -19.28
N ILE A 254 -12.06 24.69 -20.23
CA ILE A 254 -11.59 24.31 -21.57
C ILE A 254 -10.14 23.84 -21.51
N ARG A 255 -9.30 24.53 -20.74
CA ARG A 255 -7.92 24.07 -20.59
C ARG A 255 -7.84 22.69 -19.95
N ILE A 256 -8.63 22.47 -18.90
CA ILE A 256 -8.62 21.18 -18.21
C ILE A 256 -9.15 20.08 -19.12
N LEU A 257 -10.20 20.37 -19.88
CA LEU A 257 -10.71 19.38 -20.84
C LEU A 257 -9.70 19.13 -21.96
N GLY A 258 -8.91 20.13 -22.33
CA GLY A 258 -7.85 19.88 -23.30
C GLY A 258 -6.79 18.94 -22.76
N ILE A 259 -6.39 19.14 -21.50
CA ILE A 259 -5.45 18.22 -20.87
C ILE A 259 -6.03 16.82 -20.81
N LEU A 260 -7.30 16.71 -20.40
CA LEU A 260 -7.95 15.41 -20.30
C LEU A 260 -8.08 14.74 -21.66
N LEU A 261 -8.36 15.53 -22.71
CA LEU A 261 -8.44 14.99 -24.05
C LEU A 261 -7.07 14.48 -24.52
N SER A 262 -6.00 15.21 -24.18
CA SER A 262 -4.67 14.71 -24.48
C SER A 262 -4.40 13.39 -23.76
N LYS A 263 -4.80 13.29 -22.49
CA LYS A 263 -4.61 12.04 -21.75
C LYS A 263 -5.39 10.91 -22.38
N LEU A 264 -6.62 11.17 -22.83
CA LEU A 264 -7.45 10.13 -23.42
C LEU A 264 -6.94 9.71 -24.80
N ARG A 265 -6.43 10.66 -25.58
CA ARG A 265 -5.90 10.36 -26.90
C ARG A 265 -4.50 9.77 -26.85
N THR A 266 -3.80 9.90 -25.72
CA THR A 266 -2.51 9.25 -25.58
C THR A 266 -2.65 7.73 -25.61
N ARG A 267 -3.69 7.21 -24.96
CA ARG A 267 -3.90 5.77 -24.88
C ARG A 267 -4.72 5.22 -26.05
N GLN A 268 -5.69 5.99 -26.55
CA GLN A 268 -6.60 5.55 -27.61
C GLN A 268 -7.29 4.24 -27.23
N MET A 269 -8.11 4.30 -26.18
CA MET A 269 -8.71 3.08 -25.64
C MET A 269 -9.93 2.65 -26.45
N ARG A 270 -10.98 3.47 -26.47
CA ARG A 270 -12.23 3.08 -27.10
C ARG A 270 -13.14 4.28 -27.24
N CYS A 271 -14.24 4.09 -27.98
CA CYS A 271 -15.19 5.17 -28.22
C CYS A 271 -15.95 5.54 -26.95
N ARG A 272 -16.21 4.57 -26.07
CA ARG A 272 -16.80 4.90 -24.79
C ARG A 272 -15.86 5.75 -23.95
N ASP A 273 -14.57 5.42 -23.96
CA ASP A 273 -13.59 6.26 -23.28
C ASP A 273 -13.51 7.65 -23.92
N TYR A 274 -13.72 7.73 -25.24
CA TYR A 274 -13.74 9.03 -25.91
C TYR A 274 -14.94 9.86 -25.46
N ARG A 275 -16.13 9.25 -25.44
CA ARG A 275 -17.33 9.98 -25.03
C ARG A 275 -17.32 10.33 -23.55
N LEU A 276 -16.51 9.62 -22.75
CA LEU A 276 -16.33 9.98 -21.35
C LEU A 276 -15.88 11.43 -21.21
N ARG A 277 -15.08 11.93 -22.16
CA ARG A 277 -14.63 13.31 -22.10
C ARG A 277 -15.82 14.27 -22.15
N LEU A 278 -16.69 14.10 -23.12
CA LEU A 278 -17.86 14.98 -23.23
C LEU A 278 -18.79 14.80 -22.03
N ALA A 279 -18.92 13.57 -21.54
CA ALA A 279 -19.76 13.34 -20.36
C ALA A 279 -19.25 14.12 -19.17
N ARG A 280 -17.94 14.05 -18.90
CA ARG A 280 -17.37 14.78 -17.78
C ARG A 280 -17.50 16.28 -18.00
N SER A 281 -17.26 16.74 -19.23
CA SER A 281 -17.38 18.16 -19.52
C SER A 281 -18.78 18.68 -19.19
N THR A 282 -19.81 17.98 -19.67
CA THR A 282 -21.17 18.43 -19.42
C THR A 282 -21.52 18.38 -17.94
N LEU A 283 -21.22 17.24 -17.29
CA LEU A 283 -21.61 17.08 -15.89
C LEU A 283 -20.83 17.97 -14.95
N PHE A 284 -19.68 18.52 -15.40
CA PHE A 284 -18.97 19.48 -14.57
C PHE A 284 -19.20 20.92 -14.99
N LEU A 285 -19.82 21.15 -16.15
CA LEU A 285 -20.07 22.51 -16.62
C LEU A 285 -21.53 22.91 -16.54
N VAL A 286 -22.42 22.04 -16.07
CA VAL A 286 -23.80 22.46 -15.80
C VAL A 286 -23.86 23.68 -14.87
N PRO A 287 -23.09 23.73 -13.76
CA PRO A 287 -23.14 24.94 -12.92
C PRO A 287 -22.74 26.18 -13.67
N LEU A 288 -21.88 26.04 -14.68
CA LEU A 288 -21.64 27.16 -15.59
C LEU A 288 -22.91 27.53 -16.34
N LEU A 289 -23.68 26.54 -16.79
CA LEU A 289 -24.94 26.82 -17.46
C LEU A 289 -25.97 27.42 -16.53
N GLY A 290 -25.73 27.42 -15.22
CA GLY A 290 -26.57 28.16 -14.29
C GLY A 290 -26.72 29.64 -14.62
N VAL A 291 -25.85 30.15 -15.50
CA VAL A 291 -25.96 31.54 -15.96
C VAL A 291 -27.37 31.90 -16.43
N HIS A 292 -28.03 30.99 -17.14
CA HIS A 292 -29.41 31.26 -17.54
C HIS A 292 -30.31 31.40 -16.33
N GLU A 293 -30.11 30.55 -15.32
CA GLU A 293 -30.86 30.67 -14.08
C GLU A 293 -30.68 32.04 -13.46
N VAL A 294 -29.42 32.46 -13.28
CA VAL A 294 -29.17 33.72 -12.59
C VAL A 294 -29.63 34.91 -13.44
N VAL A 295 -29.60 34.78 -14.77
CA VAL A 295 -30.05 35.86 -15.63
C VAL A 295 -31.56 36.02 -15.52
N PHE A 296 -32.29 34.91 -15.55
CA PHE A 296 -33.76 34.95 -15.47
C PHE A 296 -34.26 34.56 -14.09
N ALA A 297 -33.47 34.87 -13.07
CA ALA A 297 -33.88 34.57 -11.71
C ALA A 297 -35.20 35.27 -11.35
N PRO A 298 -35.26 36.60 -11.53
CA PRO A 298 -36.50 37.25 -11.11
C PRO A 298 -37.64 36.89 -12.04
N VAL A 299 -38.46 35.93 -11.65
CA VAL A 299 -39.60 35.56 -12.47
C VAL A 299 -40.78 36.48 -12.20
N THR A 300 -41.65 36.65 -13.18
CA THR A 300 -42.80 37.53 -13.03
C THR A 300 -43.93 36.88 -12.26
N GLU A 301 -45.00 37.62 -12.05
CA GLU A 301 -46.15 37.07 -11.36
C GLU A 301 -47.09 36.53 -12.41
N GLU A 302 -47.43 37.38 -13.37
CA GLU A 302 -48.31 36.95 -14.45
C GLU A 302 -47.52 36.71 -15.71
N GLN A 303 -47.69 35.54 -16.31
CA GLN A 303 -46.97 35.22 -17.53
C GLN A 303 -47.73 35.76 -18.73
N ALA A 304 -47.01 36.31 -19.69
CA ALA A 304 -47.64 36.83 -20.89
C ALA A 304 -48.15 35.69 -21.76
N ARG A 305 -48.68 36.04 -22.93
CA ARG A 305 -49.25 35.01 -23.80
C ARG A 305 -48.23 34.25 -24.63
N GLY A 306 -48.34 32.93 -24.65
CA GLY A 306 -47.47 32.11 -25.46
C GLY A 306 -47.13 30.82 -24.77
N ALA A 307 -46.59 29.87 -25.54
CA ALA A 307 -46.22 28.56 -25.02
C ALA A 307 -44.80 28.55 -24.47
N LEU A 308 -43.84 29.07 -25.26
CA LEU A 308 -42.46 29.12 -24.82
C LEU A 308 -42.30 29.94 -23.55
N ARG A 309 -43.22 30.87 -23.29
CA ARG A 309 -43.20 31.63 -22.06
C ARG A 309 -43.21 30.71 -20.84
N PHE A 310 -44.29 29.94 -20.67
CA PHE A 310 -44.34 29.05 -19.51
C PHE A 310 -43.37 27.88 -19.67
N ALA A 311 -43.02 27.51 -20.91
CA ALA A 311 -42.04 26.45 -21.10
C ALA A 311 -40.71 26.84 -20.45
N LYS A 312 -40.18 28.01 -20.80
CA LYS A 312 -38.96 28.48 -20.15
C LYS A 312 -39.20 28.71 -18.66
N LEU A 313 -40.34 29.32 -18.31
CA LEU A 313 -40.63 29.62 -16.90
C LEU A 313 -40.45 28.39 -16.03
N GLY A 314 -40.96 27.24 -16.49
CA GLY A 314 -40.64 25.99 -15.83
C GLY A 314 -39.18 25.61 -16.00
N PHE A 315 -38.58 25.93 -17.15
CA PHE A 315 -37.26 25.40 -17.48
C PHE A 315 -36.18 25.93 -16.53
N GLU A 316 -36.10 27.25 -16.35
CA GLU A 316 -34.97 27.76 -15.55
C GLU A 316 -35.09 27.29 -14.10
N ILE A 317 -36.31 27.28 -13.55
CA ILE A 317 -36.47 26.90 -12.15
C ILE A 317 -36.18 25.41 -11.97
N PHE A 318 -36.68 24.57 -12.89
CA PHE A 318 -36.39 23.14 -12.80
C PHE A 318 -34.90 22.88 -12.93
N LEU A 319 -34.25 23.57 -13.86
CA LEU A 319 -32.82 23.36 -14.05
C LEU A 319 -32.00 23.93 -12.91
N SER A 320 -32.49 24.96 -12.21
CA SER A 320 -31.78 25.49 -11.06
C SER A 320 -31.88 24.56 -9.86
N SER A 321 -33.08 24.05 -9.58
CA SER A 321 -33.21 23.07 -8.51
C SER A 321 -32.39 21.81 -8.82
N PHE A 322 -32.49 21.33 -10.07
CA PHE A 322 -31.69 20.19 -10.48
C PHE A 322 -30.20 20.51 -10.44
N GLN A 323 -29.83 21.78 -10.64
CA GLN A 323 -28.43 22.17 -10.58
C GLN A 323 -27.90 22.09 -9.16
N GLY A 324 -28.64 22.62 -8.20
CA GLY A 324 -28.25 22.44 -6.81
C GLY A 324 -28.12 20.97 -6.45
N PHE A 325 -29.12 20.17 -6.85
CA PHE A 325 -29.10 18.75 -6.54
C PHE A 325 -27.91 18.05 -7.20
N LEU A 326 -27.63 18.38 -8.47
CA LEU A 326 -26.59 17.66 -9.20
C LEU A 326 -25.21 18.07 -8.72
N VAL A 327 -25.02 19.35 -8.38
CA VAL A 327 -23.79 19.72 -7.68
C VAL A 327 -23.63 18.84 -6.45
N SER A 328 -24.64 18.85 -5.58
CA SER A 328 -24.56 18.13 -4.31
C SER A 328 -24.23 16.66 -4.52
N VAL A 329 -24.80 16.04 -5.56
CA VAL A 329 -24.65 14.60 -5.74
C VAL A 329 -23.39 14.29 -6.54
N LEU A 330 -23.36 14.72 -7.80
CA LEU A 330 -22.27 14.37 -8.72
C LEU A 330 -21.06 15.29 -8.57
N TYR A 331 -20.91 15.95 -7.42
CA TYR A 331 -19.70 16.69 -7.13
C TYR A 331 -18.87 16.09 -6.01
N CYS A 332 -19.50 15.41 -5.07
CA CYS A 332 -18.78 14.78 -3.97
C CYS A 332 -19.19 13.33 -3.76
N PHE A 333 -20.44 13.01 -4.08
CA PHE A 333 -20.93 11.65 -3.86
C PHE A 333 -20.33 10.64 -4.82
N ILE A 334 -19.83 11.08 -5.98
CA ILE A 334 -19.28 10.16 -6.97
C ILE A 334 -17.81 9.92 -6.69
N ASN A 335 -17.34 10.38 -5.53
CA ASN A 335 -15.95 10.22 -5.16
C ASN A 335 -15.71 8.79 -4.69
N LYS A 336 -14.78 8.10 -5.34
CA LYS A 336 -14.51 6.71 -5.01
C LYS A 336 -14.01 6.56 -3.58
N GLU A 337 -13.18 7.50 -3.13
CA GLU A 337 -12.62 7.41 -1.78
C GLU A 337 -13.72 7.54 -0.73
N VAL A 338 -14.63 8.51 -0.90
CA VAL A 338 -15.72 8.66 0.08
C VAL A 338 -16.67 7.47 0.00
N GLN A 339 -16.91 6.94 -1.20
CA GLN A 339 -17.76 5.76 -1.30
C GLN A 339 -17.16 4.58 -0.56
N SER A 340 -15.87 4.33 -0.78
CA SER A 340 -15.21 3.22 -0.09
C SER A 340 -15.20 3.45 1.42
N GLU A 341 -14.97 4.69 1.86
CA GLU A 341 -14.92 4.95 3.29
C GLU A 341 -16.28 4.77 3.93
N ILE A 342 -17.35 5.21 3.28
CA ILE A 342 -18.67 5.05 3.87
C ILE A 342 -19.07 3.57 3.90
N ARG A 343 -18.69 2.82 2.86
CA ARG A 343 -18.93 1.37 2.90
C ARG A 343 -18.17 0.72 4.05
N ARG A 344 -16.91 1.13 4.25
CA ARG A 344 -16.11 0.61 5.34
C ARG A 344 -16.75 0.93 6.69
N GLY A 345 -17.19 2.17 6.87
CA GLY A 345 -17.82 2.55 8.12
C GLY A 345 -19.11 1.79 8.39
N TRP A 346 -19.94 1.63 7.35
CA TRP A 346 -21.18 0.88 7.51
C TRP A 346 -20.90 -0.57 7.88
N HIS A 347 -19.94 -1.21 7.20
CA HIS A 347 -19.62 -2.60 7.51
C HIS A 347 -19.05 -2.74 8.92
N HIS A 348 -18.18 -1.82 9.33
CA HIS A 348 -17.62 -1.88 10.67
C HIS A 348 -18.68 -1.67 11.74
N CYS A 349 -19.60 -0.72 11.51
CA CYS A 349 -20.70 -0.53 12.45
C CYS A 349 -21.60 -1.76 12.53
N ARG A 350 -21.88 -2.39 11.38
CA ARG A 350 -22.68 -3.60 11.38
C ARG A 350 -22.00 -4.72 12.15
N LEU A 351 -20.69 -4.90 11.95
CA LEU A 351 -19.97 -5.94 12.67
C LEU A 351 -19.93 -5.65 14.16
N ARG A 352 -19.74 -4.39 14.54
CA ARG A 352 -19.72 -4.03 15.95
C ARG A 352 -21.07 -4.27 16.60
N ARG A 353 -22.16 -3.89 15.91
CA ARG A 353 -23.49 -4.11 16.45
C ARG A 353 -23.81 -5.60 16.56
N SER A 354 -23.42 -6.38 15.56
CA SER A 354 -23.66 -7.82 15.57
C SER A 354 -22.40 -8.60 15.95
N THR B 9 -2.15 19.08 41.22
CA THR B 9 -1.12 19.95 41.78
C THR B 9 -0.60 20.94 40.74
N GLU B 10 0.27 21.84 41.17
CA GLU B 10 0.89 22.78 40.24
C GLU B 10 2.01 22.13 39.45
N ASP B 11 2.73 21.18 40.06
CA ASP B 11 3.82 20.51 39.35
C ASP B 11 3.31 19.74 38.14
N GLN B 12 2.21 19.00 38.31
CA GLN B 12 1.65 18.27 37.17
C GLN B 12 1.16 19.22 36.09
N ARG B 13 0.63 20.37 36.51
CA ARG B 13 0.22 21.39 35.54
C ARG B 13 1.42 21.88 34.74
N ASN B 14 2.55 22.12 35.42
CA ASN B 14 3.76 22.53 34.71
C ASN B 14 4.24 21.45 33.75
N GLU B 15 4.17 20.19 34.17
CA GLU B 15 4.58 19.09 33.30
C GLU B 15 3.70 19.05 32.06
N GLU B 16 2.38 19.18 32.25
CA GLU B 16 1.48 19.16 31.11
C GLU B 16 1.74 20.33 30.18
N LYS B 17 2.00 21.52 30.74
CA LYS B 17 2.29 22.67 29.90
C LYS B 17 3.57 22.46 29.08
N ALA B 18 4.61 21.90 29.72
CA ALA B 18 5.83 21.61 28.99
C ALA B 18 5.61 20.59 27.91
N GLN B 19 4.81 19.55 28.19
CA GLN B 19 4.52 18.55 27.18
C GLN B 19 3.76 19.16 26.00
N ARG B 20 2.80 20.04 26.28
CA ARG B 20 2.08 20.69 25.19
C ARG B 20 3.01 21.57 24.37
N GLU B 21 3.94 22.27 25.02
CA GLU B 21 4.89 23.09 24.27
C GLU B 21 5.78 22.25 23.37
N ALA B 22 6.27 21.13 23.91
CA ALA B 22 7.10 20.23 23.10
C ALA B 22 6.30 19.65 21.93
N ASN B 23 5.04 19.28 22.19
CA ASN B 23 4.18 18.79 21.12
C ASN B 23 3.98 19.84 20.05
N LYS B 24 3.79 21.10 20.45
CA LYS B 24 3.60 22.17 19.48
C LYS B 24 4.84 22.39 18.63
N LYS B 25 6.02 22.38 19.26
CA LYS B 25 7.25 22.55 18.48
C LYS B 25 7.47 21.39 17.51
N ILE B 26 7.24 20.15 17.97
CA ILE B 26 7.41 19.00 17.11
C ILE B 26 6.40 19.02 15.97
N GLU B 27 5.17 19.44 16.25
CA GLU B 27 4.18 19.54 15.19
C GLU B 27 4.53 20.63 14.19
N LYS B 28 5.13 21.73 14.66
CA LYS B 28 5.61 22.75 13.74
C LYS B 28 6.67 22.20 12.80
N GLN B 29 7.63 21.45 13.35
CA GLN B 29 8.67 20.86 12.52
C GLN B 29 8.10 19.84 11.55
N LEU B 30 7.14 19.02 12.00
CA LEU B 30 6.51 18.04 11.13
C LEU B 30 5.76 18.71 9.99
N GLN B 31 5.05 19.80 10.29
CA GLN B 31 4.34 20.54 9.25
C GLN B 31 5.32 21.17 8.26
N LYS B 32 6.45 21.67 8.76
CA LYS B 32 7.44 22.25 7.86
C LYS B 32 8.04 21.21 6.94
N ASP B 33 8.29 20.00 7.45
CA ASP B 33 8.86 18.94 6.62
C ASP B 33 7.82 18.30 5.70
N LYS B 34 6.53 18.43 6.02
CA LYS B 34 5.50 17.82 5.19
C LYS B 34 5.49 18.42 3.78
N GLN B 35 5.69 19.73 3.66
CA GLN B 35 5.71 20.34 2.33
C GLN B 35 6.88 19.84 1.51
N VAL B 36 8.06 19.69 2.12
CA VAL B 36 9.21 19.16 1.39
C VAL B 36 8.93 17.74 0.93
N TYR B 37 8.37 16.92 1.84
CA TYR B 37 8.07 15.53 1.48
C TYR B 37 7.07 15.45 0.33
N ARG B 38 6.01 16.26 0.38
CA ARG B 38 5.01 16.21 -0.67
C ARG B 38 5.49 16.86 -1.97
N ALA B 39 6.51 17.71 -1.90
CA ALA B 39 7.04 18.35 -3.10
C ALA B 39 8.04 17.47 -3.83
N THR B 40 8.88 16.75 -3.11
CA THR B 40 9.90 15.93 -3.76
C THR B 40 9.28 14.71 -4.41
N HIS B 41 9.96 14.17 -5.43
CA HIS B 41 9.51 13.02 -6.18
C HIS B 41 10.49 11.87 -5.98
N ARG B 42 9.97 10.68 -5.71
CA ARG B 42 10.78 9.51 -5.43
C ARG B 42 10.68 8.54 -6.60
N LEU B 43 11.84 8.09 -7.09
CA LEU B 43 11.93 7.10 -8.15
C LEU B 43 12.83 5.96 -7.70
N LEU B 44 12.46 4.74 -8.05
CA LEU B 44 13.26 3.56 -7.72
C LEU B 44 13.87 3.03 -9.02
N LEU B 45 15.17 3.25 -9.17
CA LEU B 45 15.89 2.76 -10.35
C LEU B 45 16.15 1.28 -10.16
N LEU B 46 15.36 0.45 -10.85
CA LEU B 46 15.40 -0.99 -10.68
C LEU B 46 15.80 -1.62 -12.01
N GLY B 47 17.10 -1.84 -12.19
CA GLY B 47 17.62 -2.47 -13.40
C GLY B 47 17.77 -3.96 -13.21
N ALA B 48 17.48 -4.71 -14.26
CA ALA B 48 17.61 -6.16 -14.24
C ALA B 48 19.04 -6.52 -14.63
N GLY B 49 19.93 -6.48 -13.63
CA GLY B 49 21.33 -6.76 -13.87
C GLY B 49 22.03 -5.56 -14.51
N GLU B 50 23.23 -5.84 -15.02
CA GLU B 50 24.06 -4.82 -15.67
C GLU B 50 23.48 -4.52 -17.05
N SER B 51 22.56 -3.56 -17.09
CA SER B 51 21.88 -3.17 -18.32
C SER B 51 22.01 -1.68 -18.61
N GLY B 52 23.02 -1.02 -18.05
CA GLY B 52 23.21 0.40 -18.24
C GLY B 52 22.91 1.26 -17.03
N LYS B 53 22.71 0.66 -15.86
CA LYS B 53 22.45 1.45 -14.66
C LYS B 53 23.61 2.38 -14.35
N ASN B 54 24.83 1.90 -14.55
CA ASN B 54 26.01 2.72 -14.24
C ASN B 54 26.03 3.98 -15.09
N THR B 55 25.88 3.84 -16.41
CA THR B 55 25.92 5.02 -17.28
C THR B 55 24.70 5.90 -17.09
N ILE B 56 23.54 5.32 -16.76
CA ILE B 56 22.36 6.13 -16.47
C ILE B 56 22.58 6.97 -15.23
N VAL B 57 23.16 6.39 -14.19
CA VAL B 57 23.46 7.17 -12.98
C VAL B 57 24.52 8.21 -13.27
N LYS B 58 25.49 7.88 -14.12
CA LYS B 58 26.52 8.85 -14.49
C LYS B 58 25.92 10.05 -15.20
N GLN B 59 24.99 9.82 -16.13
CA GLN B 59 24.39 10.95 -16.82
C GLN B 59 23.34 11.66 -15.98
N MET B 60 22.81 11.01 -14.94
CA MET B 60 21.96 11.71 -13.98
C MET B 60 22.04 11.07 -12.60
N SER B 205 26.44 0.93 -0.45
CA SER B 205 26.51 0.21 0.82
C SER B 205 25.11 -0.15 1.32
N GLY B 206 24.27 -0.60 0.40
CA GLY B 206 22.92 -1.02 0.73
C GLY B 206 21.87 -0.30 -0.08
N ILE B 207 22.06 1.00 -0.29
CA ILE B 207 21.16 1.80 -1.12
C ILE B 207 21.89 3.08 -1.47
N PHE B 208 21.49 3.71 -2.57
CA PHE B 208 22.17 4.89 -3.08
C PHE B 208 21.16 5.99 -3.36
N GLU B 209 21.66 7.22 -3.36
CA GLU B 209 20.83 8.40 -3.59
C GLU B 209 21.53 9.32 -4.57
N THR B 210 20.77 9.84 -5.54
CA THR B 210 21.27 10.85 -6.48
C THR B 210 20.22 11.94 -6.56
N LYS B 211 20.43 13.02 -5.80
CA LYS B 211 19.49 14.13 -5.76
C LYS B 211 19.75 15.01 -6.98
N PHE B 212 18.92 14.86 -8.01
CA PHE B 212 18.97 15.72 -9.18
C PHE B 212 17.63 16.43 -9.31
N GLN B 213 17.68 17.75 -9.49
CA GLN B 213 16.47 18.56 -9.62
C GLN B 213 16.39 19.15 -11.02
N VAL B 214 15.20 19.12 -11.60
CA VAL B 214 14.97 19.60 -12.95
C VAL B 214 13.72 20.47 -12.96
N ASP B 215 13.85 21.69 -13.48
CA ASP B 215 12.73 22.63 -13.58
C ASP B 215 12.04 22.81 -12.24
N LYS B 216 12.84 23.22 -11.24
CA LYS B 216 12.42 23.38 -9.85
C LYS B 216 11.56 22.23 -9.35
N VAL B 217 11.86 21.01 -9.79
CA VAL B 217 11.26 19.79 -9.25
C VAL B 217 12.37 18.92 -8.71
N ASN B 218 12.24 18.50 -7.46
CA ASN B 218 13.24 17.66 -6.82
C ASN B 218 12.93 16.18 -7.06
N PHE B 219 13.97 15.41 -7.34
CA PHE B 219 13.84 14.00 -7.64
C PHE B 219 14.76 13.18 -6.74
N HIS B 220 14.26 12.05 -6.26
CA HIS B 220 15.05 11.04 -5.58
C HIS B 220 15.17 9.82 -6.48
N MET B 221 16.39 9.34 -6.67
CA MET B 221 16.64 8.09 -7.40
C MET B 221 17.30 7.11 -6.44
N PHE B 222 16.60 6.02 -6.14
CA PHE B 222 17.11 4.99 -5.25
C PHE B 222 17.63 3.83 -6.07
N ASP B 223 18.91 3.52 -5.91
CA ASP B 223 19.53 2.37 -6.55
C ASP B 223 19.84 1.34 -5.48
N VAL B 224 19.26 0.15 -5.62
CA VAL B 224 19.41 -0.92 -4.63
C VAL B 224 20.68 -1.68 -4.99
N GLY B 225 21.77 -1.37 -4.28
CA GLY B 225 23.07 -1.90 -4.64
C GLY B 225 23.49 -3.19 -3.96
N ALA B 226 23.50 -3.19 -2.63
CA ALA B 226 24.09 -4.29 -1.87
C ALA B 226 23.07 -5.30 -1.38
N GLN B 227 21.81 -5.19 -1.81
CA GLN B 227 20.82 -6.15 -1.41
C GLN B 227 21.02 -7.47 -2.14
N ARG B 228 20.44 -8.53 -1.58
CA ARG B 228 20.53 -9.84 -2.21
C ARG B 228 19.58 -9.93 -3.40
N ASP B 229 19.67 -11.06 -4.11
CA ASP B 229 18.81 -11.27 -5.27
C ASP B 229 17.36 -11.47 -4.85
N GLU B 230 17.12 -11.82 -3.59
CA GLU B 230 15.76 -12.05 -3.10
C GLU B 230 15.01 -10.73 -2.98
N ARG B 231 14.13 -10.45 -3.93
CA ARG B 231 13.47 -9.16 -4.02
C ARG B 231 12.05 -9.15 -3.47
N ARG B 232 11.51 -10.29 -3.08
CA ARG B 232 10.09 -10.35 -2.74
C ARG B 232 9.77 -9.71 -1.40
N LYS B 233 10.77 -9.43 -0.57
CA LYS B 233 10.52 -8.96 0.78
C LYS B 233 10.74 -7.47 0.95
N TRP B 234 11.82 -6.91 0.40
CA TRP B 234 12.09 -5.49 0.54
C TRP B 234 11.49 -4.66 -0.58
N ILE B 235 10.84 -5.27 -1.57
CA ILE B 235 10.25 -4.46 -2.63
C ILE B 235 8.90 -3.88 -2.22
N GLN B 236 8.25 -4.45 -1.21
CA GLN B 236 7.06 -3.82 -0.66
C GLN B 236 7.39 -2.49 0.01
N CYS B 237 8.67 -2.26 0.31
CA CYS B 237 9.11 -0.99 0.86
C CYS B 237 8.93 0.15 -0.12
N PHE B 238 8.81 -0.14 -1.41
CA PHE B 238 8.80 0.87 -2.47
C PHE B 238 7.47 0.90 -3.21
N ASN B 239 6.35 0.79 -2.49
CA ASN B 239 5.05 0.95 -3.11
C ASN B 239 4.52 2.36 -2.98
N ASP B 240 5.25 3.25 -2.29
CA ASP B 240 4.86 4.65 -2.17
C ASP B 240 5.58 5.55 -3.18
N VAL B 241 6.54 5.01 -3.93
CA VAL B 241 7.25 5.82 -4.91
C VAL B 241 6.33 6.17 -6.07
N THR B 242 6.66 7.27 -6.75
CA THR B 242 5.84 7.69 -7.89
C THR B 242 5.97 6.71 -9.05
N ALA B 243 7.19 6.29 -9.36
CA ALA B 243 7.43 5.42 -10.50
C ALA B 243 8.61 4.52 -10.22
N ILE B 244 8.71 3.46 -11.00
CA ILE B 244 9.80 2.50 -10.91
C ILE B 244 10.52 2.53 -12.26
N ILE B 245 11.65 3.23 -12.31
CA ILE B 245 12.45 3.23 -13.54
C ILE B 245 13.01 1.84 -13.74
N PHE B 246 12.60 1.17 -14.81
CA PHE B 246 13.04 -0.18 -15.12
C PHE B 246 13.97 -0.14 -16.32
N VAL B 247 15.10 -0.82 -16.20
CA VAL B 247 16.15 -0.78 -17.22
C VAL B 247 16.37 -2.20 -17.74
N VAL B 248 16.28 -2.34 -19.07
CA VAL B 248 16.39 -3.63 -19.74
C VAL B 248 17.50 -3.54 -20.78
N ALA B 249 18.36 -4.55 -20.82
CA ALA B 249 19.39 -4.64 -21.85
C ALA B 249 18.79 -5.32 -23.08
N SER B 250 18.57 -4.54 -24.14
CA SER B 250 17.93 -5.03 -25.36
C SER B 250 18.87 -5.79 -26.28
N SER B 251 20.02 -6.23 -25.78
CA SER B 251 20.98 -6.98 -26.60
C SER B 251 20.37 -8.29 -27.10
N GLN B 262 24.62 -14.19 -18.58
CA GLN B 262 24.84 -15.62 -18.82
C GLN B 262 23.77 -16.20 -19.72
N THR B 263 22.55 -16.31 -19.20
CA THR B 263 21.43 -16.89 -19.93
C THR B 263 20.65 -15.80 -20.67
N ASN B 264 19.45 -16.14 -21.14
CA ASN B 264 18.58 -15.20 -21.81
C ASN B 264 18.17 -14.07 -20.86
N ARG B 265 18.73 -12.89 -21.05
CA ARG B 265 18.45 -11.77 -20.15
C ARG B 265 17.06 -11.16 -20.41
N LEU B 266 16.57 -11.20 -21.64
CA LEU B 266 15.27 -10.60 -21.93
C LEU B 266 14.14 -11.36 -21.25
N GLN B 267 14.22 -12.69 -21.24
CA GLN B 267 13.19 -13.47 -20.55
C GLN B 267 13.21 -13.20 -19.05
N ALA B 268 14.39 -13.08 -18.46
CA ALA B 268 14.48 -12.75 -17.04
C ALA B 268 13.90 -11.36 -16.78
N ALA B 269 14.17 -10.41 -17.67
CA ALA B 269 13.59 -9.08 -17.54
C ALA B 269 12.07 -9.12 -17.61
N LEU B 270 11.52 -9.92 -18.51
CA LEU B 270 10.07 -10.01 -18.63
C LEU B 270 9.46 -10.67 -17.39
N LYS B 271 10.09 -11.71 -16.87
CA LYS B 271 9.58 -12.38 -15.67
C LYS B 271 9.74 -11.53 -14.42
N LEU B 272 10.69 -10.60 -14.40
CA LEU B 272 10.71 -9.64 -13.30
C LEU B 272 9.66 -8.55 -13.50
N PHE B 273 9.47 -8.11 -14.74
CA PHE B 273 8.54 -7.02 -15.00
C PHE B 273 7.10 -7.44 -14.69
N ASP B 274 6.69 -8.64 -15.08
CA ASP B 274 5.31 -9.02 -14.81
C ASP B 274 5.07 -9.31 -13.34
N SER B 275 6.10 -9.78 -12.62
CA SER B 275 5.99 -9.91 -11.17
C SER B 275 5.79 -8.54 -10.52
N ILE B 276 6.55 -7.54 -10.96
CA ILE B 276 6.37 -6.19 -10.44
C ILE B 276 4.97 -5.68 -10.78
N TRP B 277 4.52 -5.93 -12.01
CA TRP B 277 3.20 -5.47 -12.43
C TRP B 277 2.10 -6.10 -11.59
N ASN B 278 2.20 -7.39 -11.32
CA ASN B 278 1.12 -8.14 -10.68
C ASN B 278 1.26 -8.23 -9.16
N ASN B 279 2.30 -7.66 -8.56
CA ASN B 279 2.34 -7.59 -7.11
C ASN B 279 1.16 -6.80 -6.57
N LYS B 280 0.54 -7.33 -5.51
CA LYS B 280 -0.69 -6.73 -5.00
C LYS B 280 -0.45 -5.43 -4.25
N TRP B 281 0.80 -5.14 -3.89
CA TRP B 281 1.14 -3.85 -3.30
C TRP B 281 1.74 -2.88 -4.30
N LEU B 282 2.36 -3.39 -5.35
CA LEU B 282 2.96 -2.56 -6.38
C LEU B 282 2.02 -2.33 -7.56
N ARG B 283 0.80 -2.84 -7.49
CA ARG B 283 -0.16 -2.64 -8.57
C ARG B 283 -0.69 -1.22 -8.66
N ASP B 284 -0.38 -0.36 -7.69
CA ASP B 284 -0.74 1.05 -7.78
C ASP B 284 0.42 1.93 -8.25
N THR B 285 1.56 1.33 -8.57
CA THR B 285 2.78 2.07 -8.91
C THR B 285 3.07 1.93 -10.39
N SER B 286 3.33 3.05 -11.05
CA SER B 286 3.62 3.05 -12.48
C SER B 286 5.05 2.63 -12.73
N VAL B 287 5.32 2.20 -13.96
CA VAL B 287 6.63 1.70 -14.36
C VAL B 287 7.08 2.47 -15.60
N ILE B 288 8.35 2.86 -15.62
CA ILE B 288 8.96 3.52 -16.77
C ILE B 288 10.07 2.62 -17.29
N LEU B 289 10.00 2.27 -18.57
CA LEU B 289 10.95 1.33 -19.16
C LEU B 289 11.99 2.07 -19.98
N PHE B 290 13.25 1.70 -19.78
CA PHE B 290 14.36 2.20 -20.58
C PHE B 290 15.05 1.00 -21.20
N LEU B 291 15.03 0.92 -22.52
CA LEU B 291 15.60 -0.21 -23.26
C LEU B 291 16.97 0.21 -23.78
N ASN B 292 18.01 -0.04 -22.99
CA ASN B 292 19.35 0.38 -23.33
C ASN B 292 19.93 -0.50 -24.43
N LYS B 293 21.22 -0.27 -24.73
CA LYS B 293 21.97 -1.08 -25.67
C LYS B 293 21.32 -1.13 -27.05
N GLN B 294 20.77 0.01 -27.48
CA GLN B 294 20.20 0.10 -28.81
C GLN B 294 21.26 -0.11 -29.87
N ASP B 295 22.44 0.50 -29.70
CA ASP B 295 23.53 0.27 -30.64
C ASP B 295 23.98 -1.19 -30.62
N LEU B 296 24.05 -1.79 -29.43
CA LEU B 296 24.45 -3.19 -29.33
C LEU B 296 23.48 -4.08 -30.09
N LEU B 297 22.17 -3.83 -29.93
CA LEU B 297 21.18 -4.56 -30.69
C LEU B 297 21.34 -4.30 -32.18
N ALA B 298 21.69 -3.06 -32.56
CA ALA B 298 21.87 -2.73 -33.96
C ALA B 298 22.97 -3.56 -34.60
N GLU B 299 24.16 -3.59 -34.00
CA GLU B 299 25.22 -4.40 -34.60
C GLU B 299 24.98 -5.89 -34.44
N LYS B 300 24.25 -6.31 -33.39
CA LYS B 300 23.91 -7.72 -33.27
C LYS B 300 23.00 -8.16 -34.41
N VAL B 301 22.03 -7.32 -34.76
CA VAL B 301 21.15 -7.62 -35.89
C VAL B 301 21.91 -7.56 -37.20
N LEU B 302 22.74 -6.52 -37.39
CA LEU B 302 23.46 -6.37 -38.64
C LEU B 302 24.55 -7.41 -38.83
N ALA B 303 24.99 -8.07 -37.77
CA ALA B 303 26.03 -9.08 -37.86
C ALA B 303 25.50 -10.47 -38.16
N GLY B 304 24.19 -10.62 -38.31
CA GLY B 304 23.62 -11.93 -38.57
C GLY B 304 23.78 -12.91 -37.42
N LYS B 305 23.61 -12.44 -36.19
CA LYS B 305 23.74 -13.27 -35.00
C LYS B 305 22.37 -13.80 -34.60
N SER B 306 22.29 -15.12 -34.41
CA SER B 306 21.02 -15.79 -34.12
C SER B 306 20.72 -15.69 -32.63
N LYS B 307 20.16 -14.55 -32.24
CA LYS B 307 19.75 -14.33 -30.85
C LYS B 307 18.24 -14.17 -30.73
N ILE B 308 17.65 -13.19 -31.41
CA ILE B 308 16.22 -12.93 -31.22
C ILE B 308 15.38 -13.93 -32.00
N GLU B 309 15.75 -14.20 -33.26
CA GLU B 309 14.92 -15.05 -34.09
C GLU B 309 14.81 -16.47 -33.58
N ASP B 310 15.73 -16.91 -32.71
CA ASP B 310 15.63 -18.23 -32.12
C ASP B 310 15.37 -18.21 -30.62
N TYR B 311 15.57 -17.08 -29.93
CA TYR B 311 15.16 -16.98 -28.54
C TYR B 311 13.73 -16.51 -28.39
N PHE B 312 13.07 -16.11 -29.47
CA PHE B 312 11.64 -15.79 -29.47
C PHE B 312 11.06 -16.30 -30.78
N PRO B 313 10.38 -17.45 -30.75
CA PRO B 313 9.87 -18.03 -32.01
C PRO B 313 8.85 -17.17 -32.73
N GLU B 314 8.22 -16.21 -32.04
CA GLU B 314 7.19 -15.39 -32.63
C GLU B 314 7.74 -14.18 -33.38
N PHE B 315 9.07 -14.02 -33.44
CA PHE B 315 9.63 -12.89 -34.18
C PHE B 315 9.47 -13.07 -35.68
N ALA B 316 9.30 -14.30 -36.15
CA ALA B 316 9.18 -14.55 -37.58
C ALA B 316 7.92 -13.93 -38.15
N ARG B 317 6.78 -14.17 -37.51
CA ARG B 317 5.50 -13.64 -37.99
C ARG B 317 5.17 -12.29 -37.34
N TYR B 318 6.12 -11.37 -37.37
CA TYR B 318 5.94 -10.04 -36.80
C TYR B 318 6.32 -8.99 -37.81
N THR B 319 5.49 -7.94 -37.89
CA THR B 319 5.75 -6.82 -38.79
C THR B 319 5.71 -5.51 -38.01
N THR B 320 6.54 -4.57 -38.44
CA THR B 320 6.64 -3.30 -37.76
C THR B 320 5.30 -2.56 -37.82
N PRO B 321 4.80 -2.05 -36.70
CA PRO B 321 3.51 -1.34 -36.74
C PRO B 321 3.58 -0.11 -37.64
N GLU B 322 2.47 0.15 -38.33
CA GLU B 322 2.43 1.25 -39.29
C GLU B 322 2.35 2.61 -38.63
N ASP B 323 2.03 2.67 -37.33
CA ASP B 323 1.88 3.96 -36.66
C ASP B 323 3.22 4.62 -36.39
N ALA B 324 4.23 3.83 -36.01
CA ALA B 324 5.51 4.37 -35.56
C ALA B 324 6.62 3.92 -36.49
N THR B 325 7.35 4.89 -37.05
CA THR B 325 8.56 4.66 -37.82
C THR B 325 9.38 5.94 -37.84
N PRO B 326 10.01 6.31 -36.72
CA PRO B 326 10.73 7.58 -36.64
C PRO B 326 12.22 7.51 -36.96
N GLU B 327 12.75 6.31 -37.23
CA GLU B 327 14.17 6.19 -37.51
C GLU B 327 14.54 6.91 -38.80
N PRO B 328 15.59 7.73 -38.80
CA PRO B 328 15.98 8.42 -40.04
C PRO B 328 16.55 7.48 -41.09
N GLY B 329 17.53 6.67 -40.71
CA GLY B 329 18.18 5.76 -41.65
C GLY B 329 18.59 4.44 -41.03
N GLU B 330 18.01 4.10 -39.88
CA GLU B 330 18.36 2.86 -39.21
C GLU B 330 17.80 1.67 -39.97
N ASP B 331 18.34 0.49 -39.66
CA ASP B 331 17.96 -0.71 -40.38
C ASP B 331 16.52 -1.10 -40.06
N PRO B 332 15.71 -1.45 -41.06
CA PRO B 332 14.34 -1.91 -40.78
C PRO B 332 14.31 -3.14 -39.88
N ARG B 333 15.27 -4.04 -40.00
CA ARG B 333 15.30 -5.19 -39.08
C ARG B 333 15.56 -4.72 -37.65
N VAL B 334 16.43 -3.73 -37.48
CA VAL B 334 16.71 -3.21 -36.14
C VAL B 334 15.47 -2.55 -35.56
N THR B 335 14.77 -1.74 -36.35
CA THR B 335 13.56 -1.10 -35.82
C THR B 335 12.47 -2.14 -35.55
N ARG B 336 12.40 -3.20 -36.35
CA ARG B 336 11.44 -4.27 -36.08
C ARG B 336 11.76 -4.97 -34.77
N ALA B 337 13.05 -5.22 -34.51
CA ALA B 337 13.43 -5.84 -33.24
C ALA B 337 13.08 -4.93 -32.06
N LYS B 338 13.36 -3.64 -32.19
CA LYS B 338 13.04 -2.70 -31.11
C LYS B 338 11.55 -2.70 -30.82
N TYR B 339 10.73 -2.62 -31.86
CA TYR B 339 9.29 -2.56 -31.63
C TYR B 339 8.75 -3.91 -31.19
N PHE B 340 9.40 -5.01 -31.55
CA PHE B 340 8.98 -6.31 -31.04
C PHE B 340 9.20 -6.40 -29.54
N ILE B 341 10.37 -5.97 -29.06
CA ILE B 341 10.63 -5.98 -27.62
C ILE B 341 9.67 -5.05 -26.89
N ARG B 342 9.47 -3.85 -27.45
CA ARG B 342 8.53 -2.92 -26.83
C ARG B 342 7.11 -3.50 -26.79
N ASP B 343 6.73 -4.23 -27.83
CA ASP B 343 5.39 -4.83 -27.85
C ASP B 343 5.28 -5.95 -26.83
N GLU B 344 6.35 -6.72 -26.64
CA GLU B 344 6.31 -7.75 -25.60
C GLU B 344 6.08 -7.13 -24.22
N PHE B 345 6.85 -6.10 -23.89
CA PHE B 345 6.64 -5.44 -22.61
C PHE B 345 5.25 -4.81 -22.54
N LEU B 346 4.77 -4.26 -23.65
CA LEU B 346 3.45 -3.62 -23.66
C LEU B 346 2.34 -4.63 -23.51
N ARG B 347 2.49 -5.84 -24.08
CA ARG B 347 1.45 -6.84 -23.90
C ARG B 347 1.45 -7.35 -22.46
N ILE B 348 2.63 -7.46 -21.83
CA ILE B 348 2.64 -7.79 -20.40
C ILE B 348 1.92 -6.70 -19.61
N SER B 349 2.19 -5.43 -19.92
CA SER B 349 1.57 -4.34 -19.17
C SER B 349 0.07 -4.30 -19.37
N THR B 350 -0.40 -4.52 -20.60
CA THR B 350 -1.81 -4.36 -20.94
C THR B 350 -2.63 -5.63 -20.74
N ALA B 351 -2.01 -6.76 -20.43
CA ALA B 351 -2.78 -7.96 -20.13
C ALA B 351 -3.66 -7.78 -18.90
N SER B 352 -3.13 -7.13 -17.86
CA SER B 352 -3.82 -6.97 -16.59
C SER B 352 -4.02 -5.50 -16.30
N GLY B 353 -5.28 -5.09 -16.17
CA GLY B 353 -5.60 -3.73 -15.77
C GLY B 353 -6.20 -3.71 -14.38
N ASP B 354 -5.63 -4.53 -13.49
CA ASP B 354 -6.18 -4.70 -12.15
C ASP B 354 -6.17 -3.39 -11.37
N GLY B 355 -5.05 -2.68 -11.41
CA GLY B 355 -4.85 -1.48 -10.64
C GLY B 355 -5.03 -0.22 -11.44
N ARG B 356 -4.30 0.82 -11.05
CA ARG B 356 -4.36 2.15 -11.64
C ARG B 356 -2.97 2.64 -11.99
N HIS B 357 -2.21 1.81 -12.68
CA HIS B 357 -0.83 2.10 -13.03
C HIS B 357 -0.62 1.97 -14.53
N TYR B 358 0.33 2.73 -15.05
CA TYR B 358 0.62 2.78 -16.48
C TYR B 358 2.10 2.52 -16.71
N CYS B 359 2.44 2.19 -17.95
CA CYS B 359 3.79 1.89 -18.37
C CYS B 359 4.19 2.81 -19.50
N TYR B 360 5.41 3.37 -19.42
CA TYR B 360 5.92 4.32 -20.41
C TYR B 360 7.21 3.76 -21.00
N PRO B 361 7.13 2.97 -22.07
CA PRO B 361 8.35 2.42 -22.66
C PRO B 361 9.09 3.45 -23.48
N HIS B 362 10.40 3.50 -23.29
CA HIS B 362 11.28 4.43 -23.99
C HIS B 362 12.44 3.66 -24.59
N PHE B 363 13.04 4.24 -25.63
CA PHE B 363 14.19 3.66 -26.30
C PHE B 363 15.40 4.53 -26.00
N THR B 364 16.15 4.17 -24.97
CA THR B 364 17.35 4.92 -24.59
C THR B 364 18.50 4.51 -25.51
N CYS B 365 18.80 5.35 -26.49
CA CYS B 365 19.89 5.08 -27.42
C CYS B 365 21.02 6.11 -27.27
N ALA B 366 20.71 7.39 -27.39
CA ALA B 366 21.72 8.43 -27.23
C ALA B 366 22.05 8.64 -25.76
N VAL B 367 23.32 8.95 -25.50
CA VAL B 367 23.80 9.14 -24.13
C VAL B 367 23.66 10.61 -23.75
N ASP B 368 22.93 11.38 -24.55
CA ASP B 368 22.77 12.80 -24.29
C ASP B 368 21.85 13.02 -23.10
N THR B 369 21.69 14.29 -22.72
CA THR B 369 20.86 14.64 -21.58
C THR B 369 19.38 14.67 -21.96
N GLU B 370 18.89 13.57 -22.53
CA GLU B 370 17.49 13.45 -22.88
C GLU B 370 16.74 12.48 -21.99
N ASN B 371 17.43 11.54 -21.34
CA ASN B 371 16.76 10.62 -20.42
C ASN B 371 16.16 11.37 -19.24
N ILE B 372 16.83 12.42 -18.78
CA ILE B 372 16.29 13.21 -17.69
C ILE B 372 14.99 13.88 -18.12
N ARG B 373 14.95 14.42 -19.34
CA ARG B 373 13.74 15.02 -19.86
C ARG B 373 12.63 13.99 -19.99
N ARG B 374 12.96 12.79 -20.45
CA ARG B 374 11.97 11.73 -20.55
C ARG B 374 11.40 11.37 -19.18
N VAL B 375 12.27 11.27 -18.17
CA VAL B 375 11.82 10.94 -16.82
C VAL B 375 10.92 12.05 -16.28
N PHE B 376 11.31 13.31 -16.51
CA PHE B 376 10.51 14.43 -16.03
C PHE B 376 9.14 14.45 -16.69
N ASN B 377 9.07 14.23 -18.00
CA ASN B 377 7.79 14.20 -18.69
C ASN B 377 6.93 13.04 -18.22
N ASP B 378 7.54 11.87 -18.02
CA ASP B 378 6.79 10.71 -17.52
C ASP B 378 6.24 10.97 -16.13
N CYS B 379 7.03 11.58 -15.25
CA CYS B 379 6.54 11.88 -13.91
C CYS B 379 5.42 12.92 -13.95
N ARG B 380 5.54 13.92 -14.82
CA ARG B 380 4.46 14.89 -14.98
C ARG B 380 3.18 14.20 -15.43
N ASP B 381 3.28 13.29 -16.39
CA ASP B 381 2.12 12.55 -16.85
C ASP B 381 1.54 11.70 -15.73
N ILE B 382 2.40 11.05 -14.94
CA ILE B 382 1.93 10.21 -13.85
C ILE B 382 1.15 11.02 -12.83
N ILE B 383 1.70 12.17 -12.44
CA ILE B 383 1.05 13.02 -11.45
C ILE B 383 -0.28 13.55 -11.99
N GLN B 384 -0.30 13.98 -13.25
CA GLN B 384 -1.54 14.49 -13.83
C GLN B 384 -2.61 13.41 -13.88
N ARG B 385 -2.24 12.19 -14.28
CA ARG B 385 -3.20 11.10 -14.31
C ARG B 385 -3.71 10.78 -12.91
N MET B 386 -2.82 10.79 -11.92
CA MET B 386 -3.24 10.51 -10.55
C MET B 386 -4.24 11.55 -10.05
N HIS B 387 -3.97 12.83 -10.32
CA HIS B 387 -4.88 13.89 -9.87
C HIS B 387 -6.22 13.83 -10.59
N LEU B 388 -6.20 13.65 -11.92
CA LEU B 388 -7.44 13.58 -12.67
C LEU B 388 -8.26 12.37 -12.25
N ARG B 389 -7.60 11.25 -11.95
CA ARG B 389 -8.30 10.08 -11.45
C ARG B 389 -8.91 10.35 -10.07
N GLN B 390 -8.18 11.08 -9.23
CA GLN B 390 -8.71 11.40 -7.91
C GLN B 390 -9.91 12.33 -7.99
N TYR B 391 -9.96 13.20 -9.00
CA TYR B 391 -11.13 14.03 -9.25
C TYR B 391 -12.17 13.35 -10.12
N GLU B 392 -11.96 12.09 -10.48
CA GLU B 392 -12.91 11.28 -11.24
C GLU B 392 -13.15 11.84 -12.64
N LEU B 393 -12.26 12.71 -13.12
CA LEU B 393 -12.36 13.20 -14.49
C LEU B 393 -11.85 12.16 -15.48
N LEU B 394 -10.81 11.42 -15.12
CA LEU B 394 -10.18 10.49 -16.04
C LEU B 394 -10.54 9.05 -15.66
N GLU C 8 29.36 -39.27 -3.70
CA GLU C 8 29.70 -38.80 -2.36
C GLU C 8 28.56 -37.98 -1.76
N LEU C 9 28.04 -37.03 -2.55
CA LEU C 9 26.94 -36.20 -2.07
C LEU C 9 25.67 -37.01 -1.89
N ASP C 10 25.49 -38.08 -2.66
CA ASP C 10 24.30 -38.91 -2.52
C ASP C 10 24.24 -39.55 -1.14
N GLN C 11 25.39 -40.01 -0.63
CA GLN C 11 25.43 -40.59 0.71
C GLN C 11 25.03 -39.56 1.77
N LEU C 12 25.55 -38.33 1.63
CA LEU C 12 25.19 -37.28 2.58
C LEU C 12 23.71 -36.95 2.53
N ARG C 13 23.15 -36.90 1.32
CA ARG C 13 21.71 -36.61 1.18
C ARG C 13 20.87 -37.74 1.79
N GLN C 14 21.28 -38.99 1.56
CA GLN C 14 20.56 -40.12 2.16
C GLN C 14 20.65 -40.07 3.69
N GLU C 15 21.82 -39.75 4.23
CA GLU C 15 21.97 -39.64 5.67
C GLU C 15 21.08 -38.54 6.24
N ALA C 16 21.07 -37.37 5.58
CA ALA C 16 20.21 -36.28 6.05
C ALA C 16 18.74 -36.68 5.99
N GLU C 17 18.34 -37.37 4.92
CA GLU C 17 16.96 -37.82 4.80
C GLU C 17 16.59 -38.79 5.91
N GLN C 18 17.49 -39.70 6.26
CA GLN C 18 17.13 -40.67 7.28
C GLN C 18 17.19 -40.09 8.69
N LEU C 19 18.06 -39.10 8.95
CA LEU C 19 17.91 -38.33 10.19
C LEU C 19 16.59 -37.60 10.24
N LYS C 20 16.16 -37.02 9.11
CA LYS C 20 14.86 -36.35 9.09
C LYS C 20 13.73 -37.33 9.38
N ASN C 21 13.81 -38.53 8.81
CA ASN C 21 12.80 -39.56 9.08
C ASN C 21 12.81 -39.96 10.55
N GLN C 22 14.00 -40.09 11.14
CA GLN C 22 14.10 -40.42 12.56
C GLN C 22 13.48 -39.32 13.42
N ILE C 23 13.73 -38.05 13.07
CA ILE C 23 13.14 -36.94 13.81
C ILE C 23 11.62 -36.98 13.69
N ARG C 24 11.11 -37.23 12.49
CA ARG C 24 9.66 -37.31 12.30
C ARG C 24 9.06 -38.44 13.12
N ASP C 25 9.72 -39.60 13.14
CA ASP C 25 9.22 -40.73 13.92
C ASP C 25 9.24 -40.42 15.41
N ALA C 26 10.30 -39.77 15.89
CA ALA C 26 10.37 -39.42 17.30
C ALA C 26 9.27 -38.42 17.67
N ARG C 27 9.03 -37.43 16.81
CA ARG C 27 7.98 -36.46 17.08
C ARG C 27 6.61 -37.13 17.07
N LYS C 28 6.38 -38.05 16.13
CA LYS C 28 5.12 -38.76 16.08
C LYS C 28 4.91 -39.61 17.33
N ALA C 29 5.97 -40.28 17.79
CA ALA C 29 5.88 -41.07 19.01
C ALA C 29 5.58 -40.19 20.22
N CYS C 30 6.23 -39.02 20.28
CA CYS C 30 5.96 -38.09 21.37
C CYS C 30 4.57 -37.48 21.27
N ALA C 31 3.96 -37.49 20.09
CA ALA C 31 2.60 -36.97 19.91
C ALA C 31 1.63 -37.93 20.60
N ASP C 32 1.16 -37.54 21.78
CA ASP C 32 0.27 -38.35 22.60
C ASP C 32 -1.18 -37.87 22.55
N ALA C 33 -1.39 -36.57 22.79
CA ALA C 33 -2.74 -36.01 22.77
C ALA C 33 -2.78 -34.74 21.92
N THR C 34 -3.92 -34.06 21.93
CA THR C 34 -4.11 -32.82 21.18
C THR C 34 -4.56 -31.73 22.14
N LEU C 35 -3.93 -30.55 22.04
CA LEU C 35 -4.31 -29.44 22.89
C LEU C 35 -5.75 -29.02 22.65
N SER C 36 -6.20 -29.08 21.39
CA SER C 36 -7.60 -28.77 21.09
C SER C 36 -8.53 -29.76 21.78
N GLN C 37 -8.17 -31.05 21.77
CA GLN C 37 -8.98 -32.04 22.46
C GLN C 37 -8.99 -31.79 23.96
N ILE C 38 -7.84 -31.42 24.53
CA ILE C 38 -7.76 -31.21 25.97
C ILE C 38 -8.56 -29.99 26.39
N THR C 39 -8.57 -28.94 25.57
CA THR C 39 -9.19 -27.69 25.92
C THR C 39 -10.67 -27.62 25.54
N ASN C 40 -11.25 -28.74 25.09
CA ASN C 40 -12.65 -28.73 24.68
C ASN C 40 -13.58 -28.42 25.85
N ASN C 41 -13.26 -28.92 27.03
CA ASN C 41 -14.13 -28.79 28.21
C ASN C 41 -13.88 -27.51 28.99
N ILE C 42 -13.38 -26.46 28.35
CA ILE C 42 -13.10 -25.19 29.02
C ILE C 42 -14.08 -24.16 28.53
N ASP C 43 -14.43 -23.23 29.42
CA ASP C 43 -15.41 -22.21 29.09
C ASP C 43 -14.86 -21.30 27.99
N PRO C 44 -15.65 -21.00 26.96
CA PRO C 44 -15.18 -20.09 25.91
C PRO C 44 -14.85 -18.71 26.46
N VAL C 45 -13.91 -18.04 25.79
CA VAL C 45 -13.51 -16.69 26.20
C VAL C 45 -14.69 -15.74 26.09
N GLY C 46 -15.46 -15.85 25.02
CA GLY C 46 -16.60 -14.98 24.79
C GLY C 46 -16.25 -13.85 23.84
N ARG C 47 -17.25 -12.99 23.61
CA ARG C 47 -17.05 -11.86 22.72
C ARG C 47 -16.10 -10.85 23.36
N ILE C 48 -15.07 -10.45 22.62
CA ILE C 48 -14.07 -9.50 23.08
C ILE C 48 -14.34 -8.18 22.36
N GLN C 49 -14.92 -7.23 23.06
CA GLN C 49 -15.24 -5.92 22.50
C GLN C 49 -14.17 -4.95 22.93
N MET C 50 -13.37 -4.49 21.97
CA MET C 50 -12.37 -3.45 22.23
C MET C 50 -12.58 -2.31 21.25
N ARG C 51 -12.62 -1.09 21.77
CA ARG C 51 -12.81 0.12 20.98
C ARG C 51 -11.56 0.97 21.05
N THR C 52 -11.31 1.71 19.97
CA THR C 52 -10.13 2.56 19.92
C THR C 52 -10.26 3.71 20.91
N ARG C 53 -9.25 3.85 21.77
CA ARG C 53 -9.25 4.91 22.77
C ARG C 53 -8.52 6.15 22.29
N ARG C 54 -7.37 5.97 21.65
CA ARG C 54 -6.59 7.07 21.11
C ARG C 54 -6.27 6.79 19.66
N THR C 55 -6.16 7.86 18.89
CA THR C 55 -5.61 7.79 17.54
C THR C 55 -4.41 8.71 17.47
N LEU C 56 -3.28 8.17 17.03
CA LEU C 56 -2.03 8.91 16.96
C LEU C 56 -1.76 9.20 15.50
N ARG C 57 -1.86 10.46 15.10
CA ARG C 57 -1.95 10.86 13.71
C ARG C 57 -0.88 11.89 13.36
N GLY C 58 0.35 11.60 13.72
CA GLY C 58 1.46 12.49 13.41
C GLY C 58 2.27 12.08 12.20
N HIS C 59 2.40 10.78 11.97
CA HIS C 59 3.17 10.29 10.84
C HIS C 59 2.51 10.67 9.52
N LEU C 60 3.33 10.85 8.49
CA LEU C 60 2.85 11.23 7.17
C LEU C 60 3.25 10.21 6.10
N ALA C 61 3.61 9.00 6.51
CA ALA C 61 3.90 7.91 5.59
C ALA C 61 3.66 6.61 6.34
N LYS C 62 3.63 5.51 5.60
CA LYS C 62 3.24 4.23 6.19
C LYS C 62 4.21 3.82 7.29
N ILE C 63 3.68 3.14 8.30
CA ILE C 63 4.44 2.70 9.47
C ILE C 63 4.79 1.23 9.31
N TYR C 64 6.06 0.90 9.47
CA TYR C 64 6.47 -0.50 9.52
C TYR C 64 6.73 -1.02 10.93
N ALA C 65 7.02 -0.16 11.88
CA ALA C 65 7.40 -0.66 13.20
C ALA C 65 6.89 0.27 14.28
N MET C 66 6.46 -0.33 15.39
CA MET C 66 6.28 0.37 16.64
C MET C 66 6.73 -0.55 17.75
N HIS C 67 7.00 0.02 18.92
CA HIS C 67 7.45 -0.75 20.05
C HIS C 67 7.02 -0.03 21.31
N TRP C 68 6.77 -0.77 22.37
CA TRP C 68 6.33 -0.19 23.63
C TRP C 68 7.50 -0.09 24.59
N GLY C 69 7.46 0.90 25.45
CA GLY C 69 8.44 1.00 26.51
C GLY C 69 8.19 0.00 27.61
N THR C 70 9.19 -0.15 28.49
CA THR C 70 9.03 -1.05 29.62
C THR C 70 7.94 -0.55 30.57
N ASP C 71 7.85 0.77 30.75
CA ASP C 71 6.80 1.35 31.57
C ASP C 71 5.43 1.26 30.93
N SER C 72 5.35 0.87 29.65
CA SER C 72 4.08 0.73 28.94
C SER C 72 3.32 2.06 28.88
N ARG C 73 4.07 3.15 28.73
CA ARG C 73 3.48 4.46 28.48
C ARG C 73 3.95 5.08 27.18
N LEU C 74 5.25 5.07 26.92
CA LEU C 74 5.81 5.64 25.71
C LEU C 74 5.93 4.57 24.64
N LEU C 75 5.65 4.94 23.40
CA LEU C 75 5.86 4.05 22.27
C LEU C 75 6.54 4.80 21.15
N VAL C 76 7.48 4.14 20.49
CA VAL C 76 8.25 4.73 19.39
C VAL C 76 7.77 4.11 18.09
N SER C 77 7.54 4.94 17.08
CA SER C 77 7.06 4.47 15.79
C SER C 77 7.93 5.01 14.68
N ALA C 78 8.15 4.19 13.65
CA ALA C 78 8.99 4.53 12.52
C ALA C 78 8.19 4.49 11.24
N SER C 79 8.49 5.39 10.30
CA SER C 79 7.81 5.44 9.03
C SER C 79 8.80 5.70 7.92
N GLN C 80 8.36 5.48 6.69
CA GLN C 80 9.22 5.63 5.51
C GLN C 80 9.58 7.08 5.23
N ASP C 81 8.95 8.05 5.90
CA ASP C 81 9.26 9.45 5.69
C ASP C 81 10.50 9.91 6.45
N GLY C 82 11.29 8.98 6.97
CA GLY C 82 12.48 9.34 7.72
C GLY C 82 12.23 10.02 9.05
N LYS C 83 11.17 9.61 9.76
CA LYS C 83 10.88 10.12 11.09
C LYS C 83 10.76 8.97 12.07
N LEU C 84 11.13 9.25 13.31
CA LEU C 84 11.07 8.28 14.41
C LEU C 84 10.43 9.02 15.58
N ILE C 85 9.11 9.00 15.66
CA ILE C 85 8.37 9.79 16.62
C ILE C 85 8.13 8.96 17.87
N ILE C 86 8.37 9.56 19.03
CA ILE C 86 8.13 8.92 20.32
C ILE C 86 6.88 9.54 20.93
N TRP C 87 5.83 8.74 21.07
CA TRP C 87 4.55 9.24 21.55
C TRP C 87 4.45 9.08 23.06
N ASP C 88 3.45 9.75 23.63
CA ASP C 88 2.98 9.48 24.97
C ASP C 88 1.55 8.99 24.84
N SER C 89 1.32 7.72 25.17
CA SER C 89 0.03 7.11 24.88
C SER C 89 -1.10 7.78 25.66
N TYR C 90 -0.84 8.15 26.92
CA TYR C 90 -1.90 8.69 27.76
C TYR C 90 -2.37 10.06 27.26
N THR C 91 -1.44 10.97 27.02
CA THR C 91 -1.79 12.35 26.68
C THR C 91 -1.74 12.64 25.19
N THR C 92 -1.40 11.65 24.35
CA THR C 92 -1.39 11.72 22.89
C THR C 92 -0.28 12.65 22.38
N ASN C 93 0.44 13.32 23.26
CA ASN C 93 1.49 14.25 22.84
C ASN C 93 2.69 13.48 22.29
N LYS C 94 3.52 14.19 21.52
CA LYS C 94 4.77 13.64 20.99
C LYS C 94 5.92 14.14 21.84
N VAL C 95 6.82 13.23 22.21
CA VAL C 95 7.95 13.58 23.05
C VAL C 95 9.19 13.92 22.22
N HIS C 96 9.49 13.08 21.22
CA HIS C 96 10.66 13.29 20.38
C HIS C 96 10.30 13.00 18.94
N ALA C 97 11.07 13.56 18.02
CA ALA C 97 10.95 13.27 16.59
C ALA C 97 12.36 13.32 16.01
N ILE C 98 12.88 12.15 15.63
CA ILE C 98 14.29 12.00 15.25
C ILE C 98 14.35 11.88 13.73
N PRO C 99 14.93 12.85 13.03
CA PRO C 99 15.09 12.71 11.57
C PRO C 99 16.17 11.68 11.25
N LEU C 100 15.81 10.71 10.42
CA LEU C 100 16.70 9.60 10.10
C LEU C 100 17.56 9.93 8.89
N ARG C 101 18.79 9.39 8.90
CA ARG C 101 19.68 9.57 7.76
C ARG C 101 19.13 8.89 6.51
N SER C 102 18.57 7.70 6.66
CA SER C 102 18.01 6.93 5.55
C SER C 102 16.50 6.88 5.67
N SER C 103 15.81 7.20 4.57
CA SER C 103 14.36 7.26 4.61
C SER C 103 13.72 5.89 4.83
N TRP C 104 14.40 4.82 4.43
CA TRP C 104 13.83 3.49 4.47
C TRP C 104 14.24 2.78 5.74
N VAL C 105 13.32 2.67 6.69
CA VAL C 105 13.54 1.91 7.91
C VAL C 105 12.40 0.91 8.06
N MET C 106 12.76 -0.34 8.31
CA MET C 106 11.78 -1.43 8.43
C MET C 106 11.64 -1.93 9.86
N THR C 107 12.29 -1.30 10.83
CA THR C 107 12.24 -1.79 12.18
C THR C 107 12.60 -0.67 13.15
N CYS C 108 12.21 -0.86 14.40
CA CYS C 108 12.62 0.01 15.49
C CYS C 108 12.51 -0.78 16.79
N ALA C 109 13.19 -0.30 17.82
CA ALA C 109 13.21 -0.99 19.10
C ALA C 109 13.44 0.03 20.19
N TYR C 110 12.65 -0.05 21.25
CA TYR C 110 12.77 0.85 22.39
C TYR C 110 13.47 0.10 23.51
N ALA C 111 14.59 0.65 23.98
CA ALA C 111 15.43 -0.08 24.92
C ALA C 111 14.71 -0.30 26.24
N PRO C 112 15.01 -1.40 26.94
CA PRO C 112 14.38 -1.63 28.25
C PRO C 112 14.68 -0.54 29.26
N SER C 113 15.87 0.06 29.20
CA SER C 113 16.20 1.16 30.10
C SER C 113 15.47 2.44 29.74
N GLY C 114 14.92 2.54 28.54
CA GLY C 114 14.29 3.75 28.08
C GLY C 114 15.25 4.81 27.60
N ASN C 115 16.54 4.52 27.56
CA ASN C 115 17.55 5.50 27.14
C ASN C 115 17.79 5.47 25.64
N TYR C 116 17.88 4.29 25.04
CA TYR C 116 18.25 4.14 23.64
C TYR C 116 17.06 3.76 22.80
N VAL C 117 17.16 4.05 21.50
CA VAL C 117 16.20 3.63 20.50
C VAL C 117 16.98 3.16 19.28
N ALA C 118 16.66 1.98 18.77
CA ALA C 118 17.31 1.46 17.59
C ALA C 118 16.43 1.70 16.36
N CYS C 119 17.04 1.57 15.19
CA CYS C 119 16.36 1.76 13.93
C CYS C 119 17.25 1.24 12.82
N GLY C 120 16.65 0.51 11.88
CA GLY C 120 17.39 -0.03 10.76
C GLY C 120 16.46 -0.21 9.57
N GLY C 121 17.07 -0.46 8.41
CA GLY C 121 16.31 -0.64 7.20
C GLY C 121 17.14 -1.12 6.03
N LEU C 122 16.91 -0.56 4.86
CA LEU C 122 17.65 -0.96 3.67
C LEU C 122 19.07 -0.41 3.62
N ASP C 123 19.43 0.46 4.55
CA ASP C 123 20.80 0.97 4.60
C ASP C 123 21.78 -0.07 5.10
N ASN C 124 21.30 -1.23 5.54
CA ASN C 124 22.10 -2.35 6.06
C ASN C 124 22.85 -2.01 7.34
N ILE C 125 22.49 -0.91 8.01
CA ILE C 125 23.12 -0.54 9.26
C ILE C 125 22.04 -0.28 10.30
N CYS C 126 22.42 -0.40 11.56
CA CYS C 126 21.53 -0.17 12.69
C CYS C 126 21.98 1.10 13.40
N SER C 127 21.06 2.06 13.55
CA SER C 127 21.37 3.32 14.19
C SER C 127 20.77 3.34 15.59
N ILE C 128 21.55 3.79 16.56
CA ILE C 128 21.15 3.78 17.96
C ILE C 128 21.22 5.21 18.49
N TYR C 129 20.10 5.72 18.97
CA TYR C 129 19.99 7.08 19.46
C TYR C 129 19.80 7.07 20.96
N ASN C 130 20.65 7.81 21.68
CA ASN C 130 20.51 7.95 23.12
C ASN C 130 19.65 9.18 23.39
N LEU C 131 18.45 8.95 23.93
CA LEU C 131 17.50 10.03 24.15
C LEU C 131 17.89 10.92 25.32
N LYS C 132 18.63 10.41 26.29
CA LYS C 132 19.02 11.17 27.47
C LYS C 132 20.38 11.81 27.21
N THR C 133 20.38 13.07 26.79
CA THR C 133 21.59 13.82 26.52
C THR C 133 21.60 15.12 27.33
N ARG C 134 22.80 15.61 27.62
CA ARG C 134 22.92 16.84 28.40
C ARG C 134 22.31 18.03 27.66
N GLU C 135 22.53 18.12 26.36
CA GLU C 135 21.97 19.22 25.58
C GLU C 135 20.49 19.01 25.25
N GLY C 136 19.93 17.86 25.59
CA GLY C 136 18.54 17.58 25.28
C GLY C 136 18.26 17.43 23.79
N ASN C 137 19.22 16.92 23.04
CA ASN C 137 19.05 16.65 21.61
C ASN C 137 19.42 15.20 21.33
N VAL C 138 18.62 14.55 20.50
CA VAL C 138 18.83 13.14 20.15
C VAL C 138 19.85 13.06 19.01
N ARG C 139 20.88 12.26 19.22
CA ARG C 139 21.95 12.11 18.24
C ARG C 139 22.37 10.65 18.18
N VAL C 140 22.86 10.24 17.01
CA VAL C 140 23.27 8.85 16.80
C VAL C 140 24.42 8.50 17.72
N SER C 141 24.18 7.62 18.69
CA SER C 141 25.23 7.23 19.61
C SER C 141 26.21 6.27 18.96
N ARG C 142 25.72 5.37 18.11
CA ARG C 142 26.57 4.39 17.47
C ARG C 142 25.93 3.93 16.17
N GLU C 143 26.78 3.58 15.20
CA GLU C 143 26.34 3.00 13.94
C GLU C 143 26.90 1.58 13.85
N LEU C 144 26.01 0.62 13.65
CA LEU C 144 26.40 -0.79 13.60
C LEU C 144 26.36 -1.25 12.15
N ALA C 145 27.54 -1.51 11.58
CA ALA C 145 27.68 -1.96 10.21
C ALA C 145 28.38 -3.31 10.19
N GLY C 146 28.07 -4.10 9.17
CA GLY C 146 28.64 -5.42 9.04
C GLY C 146 27.65 -6.41 8.45
N HIS C 147 26.36 -6.09 8.54
CA HIS C 147 25.35 -6.87 7.84
C HIS C 147 25.39 -6.54 6.36
N THR C 148 25.18 -7.56 5.52
CA THR C 148 25.25 -7.37 4.08
C THR C 148 23.90 -6.97 3.49
N GLY C 149 22.83 -7.67 3.87
CA GLY C 149 21.50 -7.35 3.41
C GLY C 149 20.82 -6.32 4.28
N TYR C 150 19.56 -6.04 3.93
CA TYR C 150 18.76 -5.11 4.71
C TYR C 150 18.54 -5.66 6.11
N LEU C 151 18.15 -4.76 7.02
CA LEU C 151 17.97 -5.11 8.42
C LEU C 151 16.48 -5.31 8.69
N SER C 152 16.09 -6.53 9.07
CA SER C 152 14.68 -6.87 9.22
C SER C 152 14.16 -6.52 10.61
N CYS C 153 14.82 -7.01 11.66
CA CYS C 153 14.37 -6.77 13.03
C CYS C 153 15.59 -6.61 13.93
N CYS C 154 15.42 -5.84 15.00
CA CYS C 154 16.47 -5.63 15.98
C CYS C 154 15.83 -5.45 17.34
N ARG C 155 16.34 -6.18 18.34
CA ARG C 155 15.80 -6.17 19.68
C ARG C 155 16.92 -5.98 20.68
N PHE C 156 16.79 -4.99 21.56
CA PHE C 156 17.76 -4.81 22.64
C PHE C 156 17.66 -5.96 23.63
N LEU C 157 18.65 -6.85 23.59
CA LEU C 157 18.81 -7.84 24.65
C LEU C 157 19.24 -7.20 25.95
N ASP C 158 19.84 -6.03 25.89
CA ASP C 158 20.28 -5.27 27.06
C ASP C 158 20.49 -3.82 26.61
N ASP C 159 21.09 -3.02 27.48
CA ASP C 159 21.46 -1.66 27.09
C ASP C 159 22.77 -1.60 26.33
N ASN C 160 23.54 -2.70 26.31
CA ASN C 160 24.86 -2.72 25.70
C ASN C 160 24.98 -3.70 24.54
N GLN C 161 24.08 -4.67 24.41
CA GLN C 161 24.12 -5.62 23.31
C GLN C 161 22.75 -5.71 22.67
N ILE C 162 22.73 -5.75 21.34
CA ILE C 162 21.51 -5.77 20.55
C ILE C 162 21.62 -6.87 19.51
N VAL C 163 20.54 -7.62 19.32
CA VAL C 163 20.49 -8.68 18.32
C VAL C 163 19.82 -8.12 17.09
N THR C 164 20.44 -8.33 15.93
CA THR C 164 19.92 -7.82 14.66
C THR C 164 19.77 -8.96 13.68
N SER C 165 18.61 -9.06 13.07
CA SER C 165 18.33 -10.06 12.04
C SER C 165 18.24 -9.36 10.70
N SER C 166 19.05 -9.78 9.75
CA SER C 166 19.20 -9.05 8.51
C SER C 166 18.67 -9.85 7.33
N GLY C 167 18.64 -9.18 6.17
CA GLY C 167 18.14 -9.81 4.97
C GLY C 167 18.95 -11.03 4.58
N ASP C 168 20.27 -10.93 4.60
CA ASP C 168 21.09 -12.11 4.39
C ASP C 168 20.84 -13.10 5.51
N THR C 169 21.04 -14.38 5.20
CA THR C 169 20.68 -15.43 6.12
C THR C 169 21.63 -15.48 7.31
N THR C 170 21.56 -14.46 8.17
CA THR C 170 22.50 -14.35 9.28
C THR C 170 21.95 -13.39 10.32
N CYS C 171 21.95 -13.82 11.58
CA CYS C 171 21.67 -12.96 12.72
C CYS C 171 22.96 -12.72 13.49
N ALA C 172 23.09 -11.54 14.07
CA ALA C 172 24.31 -11.17 14.77
C ALA C 172 23.98 -10.56 16.12
N LEU C 173 24.85 -10.80 17.09
CA LEU C 173 24.77 -10.19 18.41
C LEU C 173 25.90 -9.17 18.52
N TRP C 174 25.54 -7.92 18.76
CA TRP C 174 26.48 -6.82 18.70
C TRP C 174 26.93 -6.41 20.09
N ASP C 175 27.76 -5.36 20.14
CA ASP C 175 28.24 -4.81 21.40
C ASP C 175 28.43 -3.32 21.17
N ILE C 176 27.55 -2.51 21.77
CA ILE C 176 27.46 -1.10 21.40
C ILE C 176 28.71 -0.34 21.83
N GLU C 177 29.25 -0.67 23.00
CA GLU C 177 30.41 0.05 23.51
C GLU C 177 31.63 -0.12 22.62
N THR C 178 31.69 -1.18 21.81
CA THR C 178 32.81 -1.40 20.91
C THR C 178 32.41 -1.49 19.44
N GLY C 179 31.15 -1.79 19.13
CA GLY C 179 30.67 -1.72 17.76
C GLY C 179 30.96 -2.92 16.89
N GLN C 180 31.60 -3.95 17.43
CA GLN C 180 31.94 -5.14 16.66
C GLN C 180 31.05 -6.31 17.07
N GLN C 181 30.79 -7.20 16.12
CA GLN C 181 29.94 -8.35 16.38
C GLN C 181 30.56 -9.24 17.44
N THR C 182 29.72 -9.70 18.38
CA THR C 182 30.16 -10.65 19.39
C THR C 182 29.94 -12.09 18.95
N THR C 183 28.78 -12.39 18.38
CA THR C 183 28.46 -13.73 17.92
C THR C 183 27.58 -13.63 16.68
N THR C 184 27.76 -14.56 15.76
CA THR C 184 26.94 -14.65 14.56
C THR C 184 26.15 -15.95 14.56
N PHE C 185 24.94 -15.89 14.04
CA PHE C 185 23.99 -17.01 14.07
C PHE C 185 23.68 -17.41 12.63
N THR C 186 24.48 -18.31 12.08
CA THR C 186 24.30 -18.80 10.73
C THR C 186 23.57 -20.13 10.75
N GLY C 187 22.86 -20.42 9.66
CA GLY C 187 22.11 -21.65 9.55
C GLY C 187 20.80 -21.49 8.82
N HIS C 188 20.30 -20.26 8.74
CA HIS C 188 19.08 -20.01 8.00
C HIS C 188 19.35 -20.07 6.50
N THR C 189 18.28 -20.27 5.74
CA THR C 189 18.37 -20.36 4.29
C THR C 189 17.83 -19.14 3.56
N GLY C 190 16.88 -18.42 4.15
CA GLY C 190 16.32 -17.25 3.50
C GLY C 190 16.44 -15.98 4.33
N ASP C 191 15.67 -14.96 3.96
CA ASP C 191 15.64 -13.73 4.73
C ASP C 191 15.13 -14.02 6.13
N VAL C 192 15.82 -13.50 7.15
CA VAL C 192 15.37 -13.65 8.53
C VAL C 192 14.39 -12.51 8.82
N MET C 193 13.10 -12.77 8.64
CA MET C 193 12.11 -11.70 8.66
C MET C 193 11.91 -11.13 10.06
N SER C 194 11.73 -12.00 11.05
CA SER C 194 11.36 -11.56 12.39
C SER C 194 12.25 -12.24 13.43
N LEU C 195 12.06 -11.84 14.68
CA LEU C 195 12.92 -12.23 15.79
C LEU C 195 12.22 -11.85 17.09
N SER C 196 12.28 -12.74 18.07
CA SER C 196 11.65 -12.48 19.36
C SER C 196 12.49 -13.09 20.47
N LEU C 197 12.79 -12.29 21.49
CA LEU C 197 13.58 -12.78 22.61
C LEU C 197 12.70 -13.50 23.62
N ALA C 198 13.32 -14.43 24.35
CA ALA C 198 12.63 -15.09 25.44
C ALA C 198 12.46 -14.13 26.61
N PRO C 199 11.51 -14.41 27.51
CA PRO C 199 11.34 -13.54 28.68
C PRO C 199 12.58 -13.43 29.54
N ASP C 200 13.41 -14.48 29.61
CA ASP C 200 14.61 -14.48 30.42
C ASP C 200 15.85 -14.03 29.67
N THR C 201 15.72 -13.67 28.38
CA THR C 201 16.84 -13.24 27.53
C THR C 201 17.94 -14.30 27.48
N ARG C 202 17.56 -15.57 27.61
CA ARG C 202 18.47 -16.69 27.47
C ARG C 202 18.39 -17.34 26.10
N LEU C 203 17.23 -17.25 25.43
CA LEU C 203 17.03 -17.82 24.12
C LEU C 203 16.29 -16.80 23.26
N PHE C 204 16.29 -17.04 21.96
CA PHE C 204 15.44 -16.26 21.07
C PHE C 204 15.20 -17.07 19.80
N VAL C 205 14.02 -16.88 19.21
CA VAL C 205 13.62 -17.58 18.00
C VAL C 205 13.68 -16.60 16.84
N SER C 206 14.13 -17.09 15.69
CA SER C 206 14.19 -16.30 14.47
C SER C 206 13.40 -17.01 13.39
N GLY C 207 12.40 -16.33 12.84
CA GLY C 207 11.59 -16.86 11.78
C GLY C 207 12.06 -16.33 10.43
N ALA C 208 12.46 -17.24 9.56
CA ALA C 208 13.03 -16.87 8.28
C ALA C 208 12.03 -17.09 7.15
N CYS C 209 12.49 -16.81 5.92
CA CYS C 209 11.66 -16.96 4.74
C CYS C 209 11.68 -18.36 4.15
N ASP C 210 12.50 -19.27 4.69
CA ASP C 210 12.52 -20.65 4.24
C ASP C 210 11.49 -21.51 4.95
N ALA C 211 10.44 -20.89 5.49
CA ALA C 211 9.35 -21.61 6.16
C ALA C 211 9.85 -22.46 7.32
N SER C 212 10.76 -21.91 8.12
CA SER C 212 11.28 -22.62 9.26
C SER C 212 11.67 -21.62 10.33
N ALA C 213 11.71 -22.11 11.58
CA ALA C 213 12.11 -21.31 12.72
C ALA C 213 13.15 -22.07 13.52
N LYS C 214 14.07 -21.33 14.12
CA LYS C 214 15.15 -21.91 14.90
C LYS C 214 15.10 -21.38 16.33
N LEU C 215 15.88 -22.01 17.20
CA LEU C 215 16.01 -21.59 18.58
C LEU C 215 17.49 -21.46 18.90
N TRP C 216 17.94 -20.24 19.22
CA TRP C 216 19.34 -19.98 19.50
C TRP C 216 19.52 -19.60 20.96
N ASP C 217 20.71 -19.87 21.48
CA ASP C 217 21.11 -19.40 22.80
C ASP C 217 22.28 -18.45 22.62
N VAL C 218 22.14 -17.23 23.16
CA VAL C 218 23.10 -16.16 22.89
C VAL C 218 24.45 -16.45 23.52
N ARG C 219 24.46 -17.08 24.71
CA ARG C 219 25.71 -17.27 25.43
C ARG C 219 26.68 -18.15 24.65
N GLU C 220 26.19 -19.25 24.06
CA GLU C 220 27.05 -20.13 23.30
C GLU C 220 27.05 -19.79 21.81
N GLY C 221 25.87 -19.75 21.19
CA GLY C 221 25.76 -19.27 19.84
C GLY C 221 25.55 -20.33 18.77
N MET C 222 24.71 -21.33 19.05
CA MET C 222 24.34 -22.32 18.06
C MET C 222 22.86 -22.65 18.19
N CYS C 223 22.26 -23.06 17.08
CA CYS C 223 20.85 -23.44 17.09
C CYS C 223 20.66 -24.74 17.85
N ARG C 224 19.55 -24.82 18.59
CA ARG C 224 19.20 -26.00 19.37
C ARG C 224 18.10 -26.82 18.74
N GLN C 225 17.00 -26.19 18.34
CA GLN C 225 15.86 -26.89 17.76
C GLN C 225 15.38 -26.16 16.52
N THR C 226 14.65 -26.89 15.68
CA THR C 226 14.05 -26.34 14.47
C THR C 226 12.58 -26.73 14.41
N PHE C 227 11.77 -25.83 13.86
CA PHE C 227 10.32 -26.02 13.80
C PHE C 227 9.85 -25.71 12.38
N THR C 228 9.68 -26.76 11.57
CA THR C 228 9.34 -26.63 10.16
C THR C 228 7.85 -26.86 9.91
N GLY C 229 6.99 -26.42 10.83
CA GLY C 229 5.57 -26.69 10.69
C GLY C 229 4.93 -25.95 9.52
N HIS C 230 5.37 -24.71 9.27
CA HIS C 230 4.71 -23.85 8.29
C HIS C 230 4.97 -24.35 6.88
N GLU C 231 4.41 -23.62 5.90
CA GLU C 231 4.61 -23.95 4.50
C GLU C 231 4.84 -22.71 3.64
N SER C 232 5.22 -21.58 4.22
CA SER C 232 5.52 -20.38 3.46
C SER C 232 6.34 -19.45 4.34
N ASP C 233 6.54 -18.21 3.87
CA ASP C 233 7.36 -17.25 4.57
C ASP C 233 6.77 -16.95 5.94
N ILE C 234 7.64 -16.83 6.95
CA ILE C 234 7.22 -16.50 8.30
C ILE C 234 7.49 -15.02 8.54
N ASN C 235 6.43 -14.24 8.73
CA ASN C 235 6.54 -12.80 8.88
C ASN C 235 6.56 -12.33 10.32
N ALA C 236 5.95 -13.07 11.24
CA ALA C 236 5.86 -12.66 12.63
C ALA C 236 6.14 -13.84 13.54
N ILE C 237 6.65 -13.53 14.73
CA ILE C 237 6.95 -14.54 15.74
C ILE C 237 6.84 -13.87 17.10
N CYS C 238 6.42 -14.64 18.09
CA CYS C 238 6.20 -14.08 19.42
C CYS C 238 6.24 -15.20 20.45
N PHE C 239 7.01 -15.01 21.52
CA PHE C 239 7.04 -15.99 22.60
C PHE C 239 5.76 -15.94 23.44
N PHE C 240 5.28 -17.13 23.81
CA PHE C 240 4.25 -17.24 24.82
C PHE C 240 4.78 -16.67 26.14
N PRO C 241 3.93 -16.02 26.94
CA PRO C 241 4.42 -15.38 28.17
C PRO C 241 5.12 -16.33 29.12
N ASN C 242 4.81 -17.62 29.06
CA ASN C 242 5.52 -18.60 29.88
C ASN C 242 7.00 -18.66 29.50
N GLY C 243 7.33 -18.37 28.24
CA GLY C 243 8.66 -18.58 27.74
C GLY C 243 8.95 -20.00 27.29
N ASN C 244 7.93 -20.84 27.15
CA ASN C 244 8.09 -22.23 26.74
C ASN C 244 7.26 -22.56 25.51
N ALA C 245 6.79 -21.56 24.79
CA ALA C 245 6.01 -21.77 23.56
C ALA C 245 6.06 -20.48 22.76
N PHE C 246 5.69 -20.58 21.49
CA PHE C 246 5.62 -19.38 20.66
C PHE C 246 4.63 -19.61 19.52
N ALA C 247 4.19 -18.50 18.94
CA ALA C 247 3.26 -18.51 17.82
C ALA C 247 3.93 -17.83 16.63
N THR C 248 3.64 -18.34 15.44
CA THR C 248 4.27 -17.86 14.21
C THR C 248 3.21 -17.57 13.17
N GLY C 249 3.21 -16.35 12.65
CA GLY C 249 2.35 -15.98 11.54
C GLY C 249 3.10 -16.12 10.23
N SER C 250 2.39 -16.60 9.20
CA SER C 250 3.00 -16.83 7.90
C SER C 250 2.07 -16.28 6.82
N ASP C 251 2.44 -16.53 5.57
CA ASP C 251 1.64 -16.09 4.44
C ASP C 251 0.51 -17.06 4.10
N ASP C 252 0.37 -18.15 4.85
CA ASP C 252 -0.74 -19.08 4.69
C ASP C 252 -2.01 -18.62 5.39
N ALA C 253 -1.98 -17.47 6.06
CA ALA C 253 -3.04 -16.98 6.93
C ALA C 253 -3.25 -17.86 8.15
N THR C 254 -2.23 -18.61 8.55
CA THR C 254 -2.34 -19.53 9.68
C THR C 254 -1.28 -19.19 10.71
N CYS C 255 -1.72 -18.92 11.94
CA CYS C 255 -0.84 -18.90 13.09
C CYS C 255 -0.72 -20.32 13.65
N ARG C 256 0.46 -20.67 14.13
CA ARG C 256 0.67 -22.00 14.68
C ARG C 256 1.44 -21.90 15.98
N LEU C 257 0.92 -22.58 17.01
CA LEU C 257 1.51 -22.57 18.34
C LEU C 257 2.49 -23.73 18.46
N PHE C 258 3.77 -23.42 18.59
CA PHE C 258 4.79 -24.44 18.79
C PHE C 258 5.14 -24.55 20.26
N ASP C 259 5.81 -25.65 20.61
CA ASP C 259 6.26 -25.88 21.97
C ASP C 259 7.72 -26.29 21.96
N LEU C 260 8.53 -25.67 22.81
CA LEU C 260 9.96 -25.97 22.83
C LEU C 260 10.23 -27.35 23.40
N ARG C 261 9.58 -27.70 24.52
CA ARG C 261 9.81 -29.00 25.14
C ARG C 261 9.26 -30.13 24.28
N ALA C 262 8.05 -29.95 23.73
CA ALA C 262 7.49 -30.97 22.85
C ALA C 262 8.18 -31.03 21.49
N ASP C 263 8.80 -29.92 21.07
CA ASP C 263 9.54 -29.85 19.81
C ASP C 263 8.65 -30.21 18.62
N GLN C 264 7.44 -29.69 18.59
CA GLN C 264 6.52 -29.86 17.47
C GLN C 264 5.38 -28.87 17.64
N GLU C 265 4.46 -28.89 16.68
CA GLU C 265 3.29 -28.02 16.75
C GLU C 265 2.40 -28.43 17.91
N LEU C 266 1.52 -27.52 18.29
CA LEU C 266 0.44 -27.82 19.23
C LEU C 266 -0.93 -27.73 18.59
N MET C 267 -1.25 -26.61 17.93
CA MET C 267 -2.57 -26.45 17.34
C MET C 267 -2.56 -25.23 16.43
N THR C 268 -3.35 -25.30 15.37
CA THR C 268 -3.30 -24.34 14.27
C THR C 268 -4.46 -23.35 14.39
N TYR C 269 -4.24 -22.13 13.92
CA TYR C 269 -5.21 -21.04 14.03
C TYR C 269 -5.77 -20.64 12.67
N SER C 270 -5.88 -21.60 11.75
CA SER C 270 -6.35 -21.30 10.41
C SER C 270 -7.86 -21.09 10.39
N HIS C 271 -8.33 -20.33 9.41
CA HIS C 271 -9.76 -20.11 9.20
C HIS C 271 -10.02 -19.98 7.71
N ASP C 272 -11.15 -20.53 7.26
CA ASP C 272 -11.43 -20.59 5.84
C ASP C 272 -11.62 -19.21 5.23
N ASN C 273 -12.29 -18.31 5.95
CA ASN C 273 -12.59 -16.98 5.43
C ASN C 273 -11.35 -16.11 5.29
N ILE C 274 -10.21 -16.53 5.83
CA ILE C 274 -8.99 -15.73 5.82
C ILE C 274 -8.08 -16.24 4.71
N ILE C 275 -7.67 -15.34 3.82
CA ILE C 275 -6.82 -15.70 2.68
C ILE C 275 -5.52 -14.91 2.73
N CYS C 276 -5.57 -13.72 3.32
CA CYS C 276 -4.42 -12.84 3.33
C CYS C 276 -3.35 -13.33 4.30
N GLY C 277 -2.12 -12.90 4.06
CA GLY C 277 -1.03 -13.28 4.94
C GLY C 277 -1.07 -12.55 6.26
N ILE C 278 -0.37 -13.13 7.24
CA ILE C 278 -0.29 -12.58 8.58
C ILE C 278 0.94 -11.68 8.67
N THR C 279 0.76 -10.47 9.20
CA THR C 279 1.84 -9.50 9.26
C THR C 279 2.45 -9.39 10.66
N SER C 280 1.65 -9.40 11.71
CA SER C 280 2.15 -9.27 13.07
C SER C 280 1.38 -10.19 14.00
N VAL C 281 2.04 -10.63 15.05
CA VAL C 281 1.47 -11.56 16.02
C VAL C 281 1.88 -11.12 17.42
N SER C 282 0.95 -11.17 18.37
CA SER C 282 1.25 -10.87 19.75
C SER C 282 0.31 -11.63 20.67
N PHE C 283 0.76 -11.83 21.90
CA PHE C 283 0.01 -12.51 22.94
C PHE C 283 -0.50 -11.51 23.96
N SER C 284 -1.56 -11.89 24.66
CA SER C 284 -1.98 -11.12 25.82
C SER C 284 -1.06 -11.41 27.00
N LYS C 285 -1.23 -10.63 28.08
CA LYS C 285 -0.35 -10.80 29.24
C LYS C 285 -0.47 -12.19 29.83
N SER C 286 -1.68 -12.70 29.97
CA SER C 286 -1.89 -14.03 30.52
C SER C 286 -1.66 -15.14 29.50
N GLY C 287 -1.56 -14.80 28.22
CA GLY C 287 -1.40 -15.78 27.17
C GLY C 287 -2.68 -16.42 26.69
N ARG C 288 -3.83 -16.01 27.22
CA ARG C 288 -5.09 -16.62 26.80
C ARG C 288 -5.51 -16.12 25.41
N LEU C 289 -5.23 -14.86 25.10
CA LEU C 289 -5.59 -14.30 23.81
C LEU C 289 -4.37 -14.30 22.88
N LEU C 290 -4.65 -14.21 21.59
CA LEU C 290 -3.61 -14.18 20.56
C LEU C 290 -4.06 -13.21 19.47
N LEU C 291 -3.63 -11.96 19.59
CA LEU C 291 -3.93 -10.98 18.56
C LEU C 291 -3.01 -11.18 17.37
N ALA C 292 -3.55 -10.98 16.17
CA ALA C 292 -2.80 -11.26 14.95
C ALA C 292 -3.28 -10.33 13.86
N GLY C 293 -2.46 -9.35 13.48
CA GLY C 293 -2.82 -8.46 12.41
C GLY C 293 -2.67 -9.12 11.05
N TYR C 294 -3.56 -8.75 10.14
CA TYR C 294 -3.64 -9.39 8.83
C TYR C 294 -3.45 -8.36 7.72
N ASP C 295 -3.42 -8.87 6.49
CA ASP C 295 -3.39 -8.03 5.29
C ASP C 295 -4.78 -7.71 4.76
N ASP C 296 -5.83 -8.36 5.28
CA ASP C 296 -7.20 -8.02 4.89
C ASP C 296 -7.75 -6.85 5.69
N PHE C 297 -6.86 -6.02 6.22
CA PHE C 297 -7.11 -4.71 6.80
C PHE C 297 -7.61 -4.83 8.23
N ASN C 298 -7.83 -6.05 8.73
CA ASN C 298 -8.46 -6.27 10.03
C ASN C 298 -7.57 -7.13 10.91
N CYS C 299 -7.38 -6.71 12.15
CA CYS C 299 -6.75 -7.56 13.14
C CYS C 299 -7.78 -8.51 13.76
N ASN C 300 -7.33 -9.68 14.19
CA ASN C 300 -8.20 -10.69 14.76
C ASN C 300 -7.71 -11.07 16.15
N VAL C 301 -8.64 -11.54 16.97
CA VAL C 301 -8.34 -12.01 18.32
C VAL C 301 -8.73 -13.48 18.39
N TRP C 302 -7.79 -14.32 18.79
CA TRP C 302 -7.99 -15.76 18.82
C TRP C 302 -7.95 -16.25 20.26
N ASP C 303 -8.67 -17.33 20.52
CA ASP C 303 -8.52 -18.06 21.77
C ASP C 303 -7.28 -18.93 21.65
N ALA C 304 -6.27 -18.63 22.46
CA ALA C 304 -4.98 -19.32 22.31
C ALA C 304 -5.05 -20.79 22.66
N LEU C 305 -6.15 -21.26 23.24
CA LEU C 305 -6.31 -22.67 23.59
C LEU C 305 -7.40 -23.37 22.81
N LYS C 306 -8.30 -22.64 22.16
CA LYS C 306 -9.40 -23.27 21.44
C LYS C 306 -9.50 -22.87 19.97
N ALA C 307 -8.67 -21.94 19.49
CA ALA C 307 -8.66 -21.50 18.10
C ALA C 307 -10.04 -21.06 17.62
N ASP C 308 -10.74 -20.32 18.47
CA ASP C 308 -12.02 -19.73 18.10
C ASP C 308 -11.86 -18.21 18.09
N ARG C 309 -12.28 -17.58 17.00
CA ARG C 309 -12.07 -16.15 16.85
C ARG C 309 -12.93 -15.40 17.86
N ALA C 310 -12.26 -14.84 18.88
CA ALA C 310 -13.00 -14.15 19.94
C ALA C 310 -13.55 -12.82 19.46
N GLY C 311 -12.74 -12.04 18.75
CA GLY C 311 -13.18 -10.72 18.31
C GLY C 311 -12.43 -10.30 17.07
N VAL C 312 -12.74 -9.09 16.60
CA VAL C 312 -12.12 -8.53 15.41
C VAL C 312 -11.82 -7.06 15.68
N LEU C 313 -10.60 -6.63 15.37
CA LEU C 313 -10.18 -5.24 15.55
C LEU C 313 -10.22 -4.49 14.23
N ALA C 314 -11.41 -4.38 13.66
CA ALA C 314 -11.58 -3.62 12.43
C ALA C 314 -11.45 -2.13 12.70
N GLY C 315 -11.00 -1.38 11.69
CA GLY C 315 -10.85 0.05 11.86
C GLY C 315 -9.69 0.69 11.14
N HIS C 316 -8.84 -0.11 10.51
CA HIS C 316 -7.67 0.40 9.81
C HIS C 316 -7.94 0.48 8.31
N ASP C 317 -7.56 1.62 7.72
CA ASP C 317 -7.81 1.85 6.30
C ASP C 317 -6.90 1.01 5.42
N ASN C 318 -5.64 0.87 5.81
CA ASN C 318 -4.65 0.12 5.04
C ASN C 318 -4.22 -1.11 5.84
N ARG C 319 -3.25 -1.85 5.32
CA ARG C 319 -2.85 -3.10 5.96
C ARG C 319 -2.21 -2.83 7.32
N VAL C 320 -2.42 -3.75 8.25
CA VAL C 320 -1.86 -3.63 9.59
C VAL C 320 -0.45 -4.20 9.55
N SER C 321 0.55 -3.33 9.64
CA SER C 321 1.94 -3.75 9.54
C SER C 321 2.55 -4.14 10.87
N CYS C 322 2.18 -3.45 11.94
CA CYS C 322 2.80 -3.65 13.25
C CYS C 322 1.73 -3.72 14.33
N LEU C 323 2.02 -4.51 15.36
CA LEU C 323 1.05 -4.84 16.41
C LEU C 323 1.81 -5.01 17.71
N GLY C 324 1.37 -4.32 18.75
CA GLY C 324 2.05 -4.38 20.03
C GLY C 324 1.06 -4.45 21.18
N VAL C 325 1.46 -5.19 22.20
CA VAL C 325 0.70 -5.31 23.44
C VAL C 325 1.58 -4.84 24.58
N THR C 326 1.05 -3.96 25.43
CA THR C 326 1.86 -3.34 26.46
C THR C 326 2.37 -4.39 27.45
N ASP C 327 3.55 -4.13 28.00
CA ASP C 327 4.12 -5.02 29.00
C ASP C 327 3.21 -5.10 30.23
N ASP C 328 2.61 -3.98 30.61
CA ASP C 328 1.62 -4.01 31.69
C ASP C 328 0.41 -4.83 31.29
N GLY C 329 -0.04 -4.71 30.04
CA GLY C 329 -1.09 -5.54 29.51
C GLY C 329 -2.40 -4.83 29.21
N MET C 330 -2.47 -3.51 29.41
CA MET C 330 -3.76 -2.82 29.28
C MET C 330 -4.17 -2.71 27.82
N ALA C 331 -3.38 -2.02 27.01
CA ALA C 331 -3.79 -1.61 25.67
C ALA C 331 -3.09 -2.43 24.59
N VAL C 332 -3.58 -2.26 23.37
CA VAL C 332 -3.03 -2.92 22.20
C VAL C 332 -2.92 -1.88 21.10
N ALA C 333 -1.69 -1.52 20.74
CA ALA C 333 -1.47 -0.55 19.68
C ALA C 333 -1.32 -1.26 18.35
N THR C 334 -1.94 -0.70 17.31
CA THR C 334 -1.88 -1.26 15.97
C THR C 334 -1.51 -0.14 15.00
N GLY C 335 -0.28 -0.15 14.52
CA GLY C 335 0.06 0.70 13.40
C GLY C 335 -0.40 0.12 12.09
N SER C 336 -0.36 0.94 11.05
CA SER C 336 -0.82 0.50 9.74
C SER C 336 -0.15 1.34 8.66
N TRP C 337 -0.48 1.04 7.41
CA TRP C 337 0.11 1.69 6.27
C TRP C 337 -0.60 2.99 5.89
N ASP C 338 -1.64 3.38 6.63
CA ASP C 338 -2.27 4.67 6.45
C ASP C 338 -1.69 5.74 7.35
N SER C 339 -0.58 5.44 8.04
CA SER C 339 0.13 6.38 8.89
C SER C 339 -0.68 6.78 10.11
N PHE C 340 -1.42 5.83 10.68
CA PHE C 340 -2.21 6.07 11.88
C PHE C 340 -1.94 4.96 12.88
N LEU C 341 -1.67 5.34 14.12
CA LEU C 341 -1.59 4.42 15.24
C LEU C 341 -2.85 4.52 16.07
N LYS C 342 -3.38 3.39 16.50
CA LYS C 342 -4.61 3.35 17.27
C LYS C 342 -4.38 2.52 18.52
N ILE C 343 -4.80 3.04 19.66
CA ILE C 343 -4.59 2.40 20.95
C ILE C 343 -5.92 1.77 21.35
N TRP C 344 -6.03 0.45 21.21
CA TRP C 344 -7.26 -0.25 21.52
C TRP C 344 -7.28 -0.66 22.98
N ASN C 345 -8.49 -0.87 23.50
CA ASN C 345 -8.70 -1.25 24.88
C ASN C 345 -10.14 -1.72 25.03
N GLY C 346 -10.40 -2.43 26.12
CA GLY C 346 -11.73 -2.95 26.40
C GLY C 346 -12.32 -2.32 27.65
N SER C 347 -13.65 -2.22 27.66
CA SER C 347 -14.38 -1.66 28.79
C SER C 347 -15.51 -2.60 29.19
N SER C 348 -15.81 -2.61 30.48
CA SER C 348 -16.87 -3.46 31.02
C SER C 348 -18.11 -2.65 31.36
N THR D 6 34.35 -28.75 -3.17
CA THR D 6 33.25 -27.86 -3.47
C THR D 6 32.49 -27.47 -2.20
N ALA D 7 31.72 -26.38 -2.29
CA ALA D 7 30.95 -25.92 -1.14
C ALA D 7 29.81 -26.85 -0.79
N SER D 8 29.39 -27.72 -1.73
CA SER D 8 28.30 -28.64 -1.45
C SER D 8 28.66 -29.61 -0.33
N ILE D 9 29.90 -30.11 -0.33
CA ILE D 9 30.33 -31.04 0.71
C ILE D 9 30.29 -30.37 2.07
N ALA D 10 30.81 -29.15 2.16
CA ALA D 10 30.81 -28.42 3.43
C ALA D 10 29.39 -28.13 3.89
N GLN D 11 28.52 -27.74 2.98
CA GLN D 11 27.13 -27.47 3.35
C GLN D 11 26.45 -28.72 3.87
N ALA D 12 26.65 -29.85 3.18
CA ALA D 12 26.06 -31.10 3.63
C ALA D 12 26.59 -31.52 4.99
N ARG D 13 27.90 -31.35 5.22
CA ARG D 13 28.47 -31.71 6.51
C ARG D 13 27.91 -30.83 7.63
N LYS D 14 27.79 -29.53 7.37
CA LYS D 14 27.22 -28.63 8.38
C LYS D 14 25.77 -29.00 8.67
N LEU D 15 24.98 -29.30 7.63
CA LEU D 15 23.59 -29.68 7.84
C LEU D 15 23.48 -30.96 8.64
N VAL D 16 24.30 -31.96 8.31
CA VAL D 16 24.26 -33.23 9.02
C VAL D 16 24.65 -33.05 10.48
N GLU D 17 25.68 -32.25 10.73
CA GLU D 17 26.09 -31.99 12.12
C GLU D 17 24.97 -31.28 12.88
N GLN D 18 24.31 -30.32 12.25
CA GLN D 18 23.23 -29.60 12.92
C GLN D 18 22.09 -30.53 13.27
N LEU D 19 21.66 -31.36 12.31
CA LEU D 19 20.58 -32.31 12.61
C LEU D 19 20.98 -33.32 13.67
N LYS D 20 22.24 -33.77 13.67
CA LYS D 20 22.68 -34.70 14.71
C LYS D 20 22.63 -34.05 16.08
N MET D 21 23.19 -32.85 16.22
CA MET D 21 23.22 -32.21 17.53
C MET D 21 21.84 -31.76 17.99
N GLU D 22 20.90 -31.57 17.06
CA GLU D 22 19.53 -31.28 17.48
C GLU D 22 18.74 -32.55 17.75
N ALA D 23 19.13 -33.68 17.17
CA ALA D 23 18.50 -34.96 17.48
C ALA D 23 18.99 -35.55 18.79
N ASN D 24 20.16 -35.13 19.26
CA ASN D 24 20.67 -35.63 20.53
C ASN D 24 19.76 -35.28 21.71
N ILE D 25 18.93 -34.25 21.58
CA ILE D 25 18.06 -33.81 22.67
C ILE D 25 16.88 -34.76 22.83
N ASP D 26 16.17 -34.65 23.96
CA ASP D 26 15.01 -35.46 24.26
C ASP D 26 13.78 -34.59 24.43
N ARG D 27 12.63 -35.10 24.00
CA ARG D 27 11.39 -34.34 23.99
C ARG D 27 10.63 -34.51 25.31
N ILE D 28 9.47 -33.85 25.38
CA ILE D 28 8.58 -33.91 26.53
C ILE D 28 7.17 -34.12 26.00
N LYS D 29 6.36 -34.87 26.75
CA LYS D 29 5.02 -35.24 26.29
C LYS D 29 4.18 -34.01 25.96
N VAL D 30 3.51 -34.07 24.81
CA VAL D 30 2.66 -32.96 24.38
C VAL D 30 1.49 -32.78 25.34
N SER D 31 0.99 -33.87 25.92
CA SER D 31 -0.05 -33.74 26.93
C SER D 31 0.45 -32.94 28.13
N LYS D 32 1.67 -33.22 28.58
CA LYS D 32 2.23 -32.45 29.70
C LYS D 32 2.45 -30.99 29.31
N ALA D 33 2.92 -30.74 28.09
CA ALA D 33 3.12 -29.36 27.65
C ALA D 33 1.79 -28.60 27.60
N ALA D 34 0.75 -29.23 27.06
CA ALA D 34 -0.56 -28.58 27.01
C ALA D 34 -1.11 -28.36 28.42
N ALA D 35 -0.91 -29.32 29.32
CA ALA D 35 -1.35 -29.15 30.69
C ALA D 35 -0.65 -27.99 31.36
N ASP D 36 0.66 -27.85 31.13
CA ASP D 36 1.40 -26.73 31.70
C ASP D 36 0.91 -25.40 31.14
N LEU D 37 0.65 -25.35 29.83
CA LEU D 37 0.14 -24.12 29.24
C LEU D 37 -1.23 -23.75 29.82
N MET D 38 -2.11 -24.74 29.96
CA MET D 38 -3.42 -24.49 30.57
C MET D 38 -3.26 -24.01 32.01
N ALA D 39 -2.35 -24.62 32.76
CA ALA D 39 -2.14 -24.22 34.15
C ALA D 39 -1.67 -22.78 34.23
N TYR D 40 -0.73 -22.38 33.37
CA TYR D 40 -0.28 -21.00 33.37
C TYR D 40 -1.41 -20.05 33.01
N CYS D 41 -2.18 -20.40 31.98
CA CYS D 41 -3.27 -19.53 31.54
C CYS D 41 -4.32 -19.35 32.63
N GLU D 42 -4.67 -20.43 33.33
CA GLU D 42 -5.69 -20.32 34.36
C GLU D 42 -5.15 -19.63 35.61
N ALA D 43 -3.87 -19.82 35.91
CA ALA D 43 -3.28 -19.18 37.09
C ALA D 43 -3.17 -17.67 36.90
N HIS D 44 -2.85 -17.23 35.68
CA HIS D 44 -2.69 -15.81 35.40
C HIS D 44 -3.92 -15.20 34.73
N ALA D 45 -5.04 -15.94 34.68
CA ALA D 45 -6.22 -15.43 34.00
C ALA D 45 -6.77 -14.17 34.66
N LYS D 46 -6.75 -14.13 36.00
CA LYS D 46 -7.32 -12.99 36.71
C LYS D 46 -6.58 -11.70 36.38
N GLU D 47 -5.26 -11.75 36.31
CA GLU D 47 -4.45 -10.56 36.03
C GLU D 47 -4.24 -10.35 34.53
N ASP D 48 -5.34 -10.36 33.78
CA ASP D 48 -5.30 -10.10 32.35
C ASP D 48 -6.20 -8.92 32.02
N PRO D 49 -5.63 -7.73 31.83
CA PRO D 49 -6.48 -6.55 31.53
C PRO D 49 -7.27 -6.66 30.24
N LEU D 50 -6.86 -7.52 29.30
CA LEU D 50 -7.58 -7.68 28.05
C LEU D 50 -8.65 -8.76 28.14
N LEU D 51 -8.35 -9.86 28.83
CA LEU D 51 -9.35 -10.92 29.00
C LEU D 51 -10.54 -10.43 29.79
N THR D 52 -10.30 -9.85 30.96
CA THR D 52 -11.35 -9.30 31.81
C THR D 52 -11.27 -7.79 31.75
N PRO D 53 -12.22 -7.10 31.11
CA PRO D 53 -12.13 -5.65 30.98
C PRO D 53 -12.09 -4.96 32.34
N VAL D 54 -10.98 -4.28 32.60
CA VAL D 54 -10.81 -3.57 33.87
C VAL D 54 -11.83 -2.45 33.98
N PRO D 55 -12.41 -2.21 35.15
CA PRO D 55 -13.33 -1.07 35.29
C PRO D 55 -12.63 0.24 34.94
N ALA D 56 -13.40 1.14 34.31
CA ALA D 56 -12.85 2.36 33.76
C ALA D 56 -12.32 3.32 34.82
N SER D 57 -12.61 3.08 36.09
CA SER D 57 -12.12 3.95 37.14
C SER D 57 -10.59 3.98 37.18
N GLU D 58 -9.96 2.82 37.06
CA GLU D 58 -8.51 2.71 37.06
C GLU D 58 -7.95 2.41 35.67
N ASN D 59 -8.75 2.50 34.63
CA ASN D 59 -8.27 2.30 33.27
C ASN D 59 -7.47 3.52 32.84
N PRO D 60 -6.18 3.37 32.50
CA PRO D 60 -5.40 4.55 32.10
C PRO D 60 -5.85 5.18 30.80
N PHE D 61 -6.52 4.45 29.93
CA PHE D 61 -6.91 4.95 28.61
C PHE D 61 -8.39 5.31 28.54
N ARG D 62 -9.01 5.62 29.69
CA ARG D 62 -10.42 5.98 29.70
C ARG D 62 -10.66 7.29 28.97
N GLN E 1 10.45 -29.52 5.02
CA GLN E 1 9.00 -29.63 5.17
C GLN E 1 8.30 -29.76 3.82
N VAL E 2 8.58 -28.82 2.92
CA VAL E 2 7.91 -28.84 1.61
C VAL E 2 8.31 -30.10 0.84
N GLN E 3 9.60 -30.42 0.82
CA GLN E 3 10.12 -31.67 0.30
C GLN E 3 9.66 -31.94 -1.14
N LEU E 4 10.14 -31.08 -2.03
CA LEU E 4 9.91 -31.25 -3.47
C LEU E 4 11.00 -32.16 -4.02
N GLN E 5 10.60 -33.33 -4.49
CA GLN E 5 11.53 -34.31 -5.07
C GLN E 5 11.04 -34.69 -6.46
N GLU E 6 11.97 -34.64 -7.42
CA GLU E 6 11.61 -34.94 -8.80
C GLU E 6 12.15 -36.27 -9.26
N SER E 7 11.59 -36.79 -10.35
CA SER E 7 12.02 -38.05 -10.93
C SER E 7 12.34 -37.85 -12.41
N GLY E 8 12.61 -38.94 -13.11
CA GLY E 8 12.93 -38.85 -14.52
C GLY E 8 14.33 -38.31 -14.75
N GLY E 9 14.60 -38.02 -16.02
CA GLY E 9 15.90 -37.53 -16.44
C GLY E 9 16.88 -38.65 -16.75
N GLY E 10 18.00 -38.27 -17.36
CA GLY E 10 19.02 -39.22 -17.73
C GLY E 10 19.62 -38.93 -19.09
N LEU E 11 20.02 -39.99 -19.80
CA LEU E 11 20.64 -39.88 -21.11
C LEU E 11 19.62 -40.20 -22.19
N VAL E 12 19.67 -39.44 -23.28
CA VAL E 12 18.75 -39.62 -24.40
C VAL E 12 19.40 -39.03 -25.65
N GLN E 13 19.15 -39.67 -26.77
CA GLN E 13 19.65 -39.18 -28.05
C GLN E 13 18.89 -37.91 -28.45
N PRO E 14 19.51 -37.04 -29.25
CA PRO E 14 18.81 -35.84 -29.70
C PRO E 14 17.55 -36.19 -30.48
N GLY E 15 16.51 -35.39 -30.29
CA GLY E 15 15.22 -35.67 -30.88
C GLY E 15 14.41 -36.72 -30.15
N GLY E 16 14.87 -37.19 -28.99
CA GLY E 16 14.17 -38.20 -28.23
C GLY E 16 13.10 -37.60 -27.33
N SER E 17 12.61 -38.44 -26.43
CA SER E 17 11.54 -38.08 -25.51
C SER E 17 11.98 -38.32 -24.07
N LEU E 18 11.39 -37.55 -23.16
CA LEU E 18 11.67 -37.67 -21.74
C LEU E 18 10.51 -37.09 -20.97
N ARG E 19 10.30 -37.59 -19.75
CA ARG E 19 9.20 -37.12 -18.91
C ARG E 19 9.72 -36.87 -17.51
N LEU E 20 9.43 -35.69 -16.97
CA LEU E 20 9.85 -35.30 -15.65
C LEU E 20 8.65 -35.09 -14.75
N SER E 21 8.72 -35.64 -13.53
CA SER E 21 7.65 -35.55 -12.57
C SER E 21 8.15 -34.91 -11.29
N CYS E 22 7.24 -34.24 -10.58
CA CYS E 22 7.56 -33.53 -9.35
C CYS E 22 6.64 -34.02 -8.24
N ALA E 23 7.21 -34.35 -7.09
CA ALA E 23 6.47 -34.86 -5.95
C ALA E 23 6.48 -33.82 -4.83
N ALA E 24 5.30 -33.37 -4.44
CA ALA E 24 5.14 -32.36 -3.40
C ALA E 24 4.42 -32.98 -2.21
N SER E 25 5.00 -32.85 -1.02
CA SER E 25 4.45 -33.50 0.16
C SER E 25 4.53 -32.62 1.40
N GLY E 26 4.40 -31.30 1.24
CA GLY E 26 4.51 -30.44 2.40
C GLY E 26 3.56 -29.27 2.45
N PHE E 27 2.63 -29.20 1.52
CA PHE E 27 1.75 -28.04 1.42
C PHE E 27 0.49 -28.42 0.64
N THR E 28 -0.42 -27.47 0.52
CA THR E 28 -1.61 -27.63 -0.32
C THR E 28 -1.21 -27.33 -1.76
N PHE E 29 -1.26 -28.36 -2.61
CA PHE E 29 -0.80 -28.21 -3.99
C PHE E 29 -1.69 -27.26 -4.79
N SER E 30 -2.98 -27.21 -4.47
CA SER E 30 -3.93 -26.49 -5.29
C SER E 30 -3.93 -24.98 -5.06
N ASN E 31 -3.08 -24.48 -4.17
CA ASN E 31 -3.03 -23.05 -3.88
C ASN E 31 -1.80 -22.36 -4.46
N TYR E 32 -0.80 -23.11 -4.89
CA TYR E 32 0.49 -22.56 -5.28
C TYR E 32 0.71 -22.71 -6.78
N LYS E 33 1.26 -21.68 -7.39
CA LYS E 33 1.68 -21.76 -8.79
C LYS E 33 3.04 -22.43 -8.85
N MET E 34 3.10 -23.57 -9.53
CA MET E 34 4.32 -24.37 -9.63
C MET E 34 4.94 -24.18 -11.00
N ASN E 35 6.25 -23.97 -11.04
CA ASN E 35 6.94 -23.71 -12.28
C ASN E 35 8.27 -24.45 -12.30
N TRP E 36 8.71 -24.81 -13.50
CA TRP E 36 9.96 -25.52 -13.69
C TRP E 36 11.11 -24.52 -13.92
N VAL E 37 12.30 -24.93 -13.52
CA VAL E 37 13.51 -24.11 -13.66
C VAL E 37 14.65 -25.03 -14.06
N ARG E 38 15.45 -24.61 -15.03
CA ARG E 38 16.57 -25.41 -15.50
C ARG E 38 17.85 -24.59 -15.44
N GLN E 39 18.96 -25.29 -15.24
CA GLN E 39 20.27 -24.65 -15.07
C GLN E 39 21.29 -25.37 -15.94
N ALA E 40 21.85 -24.65 -16.91
CA ALA E 40 22.87 -25.20 -17.77
C ALA E 40 24.14 -25.47 -16.95
N PRO E 41 24.98 -26.41 -17.40
CA PRO E 41 26.19 -26.73 -16.62
C PRO E 41 27.11 -25.55 -16.38
N GLY E 42 27.21 -24.63 -17.33
CA GLY E 42 28.10 -23.49 -17.17
C GLY E 42 27.38 -22.18 -16.96
N LYS E 43 26.14 -22.09 -17.44
CA LYS E 43 25.36 -20.87 -17.34
C LYS E 43 24.64 -20.82 -15.98
N GLY E 44 23.75 -19.84 -15.81
CA GLY E 44 22.98 -19.70 -14.60
C GLY E 44 21.59 -20.31 -14.72
N LEU E 45 20.80 -20.12 -13.67
CA LEU E 45 19.44 -20.63 -13.65
C LEU E 45 18.58 -19.90 -14.66
N GLU E 46 17.64 -20.62 -15.26
CA GLU E 46 16.83 -20.08 -16.35
C GLU E 46 15.41 -20.60 -16.22
N TRP E 47 14.45 -19.69 -16.08
CA TRP E 47 13.05 -20.07 -16.02
C TRP E 47 12.62 -20.68 -17.35
N VAL E 48 11.90 -21.80 -17.29
CA VAL E 48 11.56 -22.58 -18.47
C VAL E 48 10.06 -22.68 -18.70
N SER E 49 9.27 -22.85 -17.64
CA SER E 49 7.83 -23.00 -17.81
C SER E 49 7.13 -22.57 -16.52
N ASP E 50 5.80 -22.72 -16.51
CA ASP E 50 5.00 -22.51 -15.30
C ASP E 50 3.60 -23.05 -15.55
N ILE E 51 2.76 -22.98 -14.53
CA ILE E 51 1.35 -23.37 -14.64
C ILE E 51 0.60 -22.70 -13.50
N SER E 52 -0.66 -22.35 -13.75
CA SER E 52 -1.43 -21.56 -12.82
C SER E 52 -1.94 -22.44 -11.68
N GLN E 53 -2.77 -21.86 -10.79
CA GLN E 53 -3.29 -22.61 -9.66
C GLN E 53 -4.16 -23.78 -10.12
N SER E 54 -5.04 -23.52 -11.09
CA SER E 54 -5.94 -24.57 -11.59
C SER E 54 -5.41 -25.26 -12.84
N GLY E 55 -4.52 -24.61 -13.58
CA GLY E 55 -4.01 -25.18 -14.81
C GLY E 55 -4.59 -24.48 -16.03
N ALA E 56 -4.80 -23.17 -15.90
CA ALA E 56 -5.40 -22.37 -16.97
C ALA E 56 -4.35 -21.56 -17.72
N SER E 57 -3.57 -20.75 -17.01
CA SER E 57 -2.55 -19.90 -17.63
C SER E 57 -1.23 -20.66 -17.67
N ILE E 58 -0.76 -20.96 -18.88
CA ILE E 58 0.47 -21.71 -19.09
C ILE E 58 1.35 -20.88 -20.01
N SER E 59 2.63 -20.73 -19.64
CA SER E 59 3.58 -19.97 -20.43
C SER E 59 4.87 -20.74 -20.56
N TYR E 60 5.65 -20.38 -21.59
CA TYR E 60 6.92 -21.04 -21.86
C TYR E 60 7.96 -19.98 -22.20
N THR E 61 9.23 -20.36 -22.04
CA THR E 61 10.34 -19.43 -22.10
C THR E 61 10.78 -19.10 -23.53
N GLY E 62 10.11 -19.63 -24.54
CA GLY E 62 10.57 -19.44 -25.89
C GLY E 62 11.68 -20.42 -26.21
N SER E 63 11.75 -20.88 -27.46
CA SER E 63 12.63 -21.95 -27.92
C SER E 63 12.25 -23.30 -27.31
N VAL E 64 11.23 -23.35 -26.46
CA VAL E 64 10.71 -24.60 -25.92
C VAL E 64 9.21 -24.73 -26.12
N LYS E 65 8.56 -23.75 -26.75
CA LYS E 65 7.13 -23.81 -26.96
C LYS E 65 6.78 -24.93 -27.92
N GLY E 66 5.68 -25.63 -27.64
CA GLY E 66 5.27 -26.76 -28.46
C GLY E 66 5.94 -28.07 -28.15
N ARG E 67 7.27 -28.07 -28.06
CA ARG E 67 8.01 -29.29 -27.74
C ARG E 67 7.99 -29.63 -26.26
N PHE E 68 7.60 -28.69 -25.40
CA PHE E 68 7.53 -28.92 -23.96
C PHE E 68 6.08 -28.77 -23.52
N THR E 69 5.59 -29.72 -22.73
CA THR E 69 4.22 -29.69 -22.23
C THR E 69 4.27 -29.84 -20.72
N ILE E 70 3.56 -28.96 -20.02
CA ILE E 70 3.50 -28.95 -18.56
C ILE E 70 2.06 -29.12 -18.12
N SER E 71 1.84 -30.04 -17.18
CA SER E 71 0.52 -30.27 -16.64
C SER E 71 0.64 -30.67 -15.17
N ARG E 72 -0.38 -30.34 -14.39
CA ARG E 72 -0.40 -30.63 -12.97
C ARG E 72 -1.62 -31.48 -12.64
N ASP E 73 -1.50 -32.30 -11.60
CA ASP E 73 -2.58 -33.16 -11.13
C ASP E 73 -2.74 -32.91 -9.64
N ASN E 74 -3.74 -32.09 -9.29
CA ASN E 74 -3.93 -31.72 -7.89
C ASN E 74 -4.38 -32.89 -7.02
N ALA E 75 -4.97 -33.92 -7.62
CA ALA E 75 -5.45 -35.06 -6.84
C ALA E 75 -4.29 -35.81 -6.19
N LYS E 76 -3.24 -36.10 -6.94
CA LYS E 76 -2.09 -36.82 -6.43
C LYS E 76 -0.95 -35.91 -6.00
N ASN E 77 -1.13 -34.60 -6.08
CA ASN E 77 -0.10 -33.62 -5.69
C ASN E 77 1.19 -33.87 -6.46
N THR E 78 1.10 -33.80 -7.79
CA THR E 78 2.22 -34.08 -8.66
C THR E 78 2.22 -33.12 -9.84
N LEU E 79 3.41 -32.60 -10.17
CA LEU E 79 3.61 -31.71 -11.30
C LEU E 79 4.45 -32.41 -12.36
N TYR E 80 4.05 -32.26 -13.62
CA TYR E 80 4.67 -32.97 -14.72
C TYR E 80 5.25 -31.99 -15.74
N LEU E 81 6.23 -32.49 -16.51
CA LEU E 81 6.77 -31.75 -17.65
C LEU E 81 7.02 -32.75 -18.77
N GLN E 82 6.12 -32.77 -19.75
CA GLN E 82 6.27 -33.61 -20.92
C GLN E 82 7.13 -32.88 -21.94
N MET E 83 8.37 -33.33 -22.09
CA MET E 83 9.37 -32.62 -22.88
C MET E 83 9.82 -33.52 -24.04
N ASN E 84 9.82 -32.96 -25.24
CA ASN E 84 9.99 -33.74 -26.47
C ASN E 84 10.95 -33.03 -27.42
N SER E 85 11.51 -33.81 -28.33
CA SER E 85 12.37 -33.31 -29.41
C SER E 85 13.56 -32.53 -28.85
N LEU E 86 14.40 -33.25 -28.11
CA LEU E 86 15.50 -32.60 -27.41
C LEU E 86 16.67 -32.32 -28.36
N LYS E 87 17.52 -31.39 -27.94
CA LYS E 87 18.75 -31.03 -28.61
C LYS E 87 19.86 -30.98 -27.57
N PRO E 88 21.13 -31.04 -28.01
CA PRO E 88 22.23 -30.97 -27.03
C PRO E 88 22.21 -29.71 -26.19
N GLU E 89 21.64 -28.62 -26.69
CA GLU E 89 21.52 -27.40 -25.90
C GLU E 89 20.57 -27.55 -24.71
N ASP E 90 19.78 -28.63 -24.67
CA ASP E 90 18.85 -28.86 -23.58
C ASP E 90 19.52 -29.48 -22.36
N THR E 91 20.75 -29.94 -22.48
CA THR E 91 21.44 -30.57 -21.35
C THR E 91 21.61 -29.57 -20.21
N ALA E 92 21.00 -29.88 -19.08
CA ALA E 92 20.99 -28.96 -17.93
C ALA E 92 20.53 -29.75 -16.71
N VAL E 93 20.35 -29.04 -15.61
CA VAL E 93 19.80 -29.60 -14.38
C VAL E 93 18.45 -28.94 -14.14
N TYR E 94 17.41 -29.77 -14.02
CA TYR E 94 16.05 -29.26 -13.95
C TYR E 94 15.55 -29.27 -12.51
N TYR E 95 15.00 -28.14 -12.08
CA TYR E 95 14.46 -27.98 -10.74
C TYR E 95 12.97 -27.68 -10.83
N CYS E 96 12.24 -28.11 -9.82
CA CYS E 96 10.79 -27.93 -9.74
C CYS E 96 10.51 -26.93 -8.64
N ALA E 97 10.44 -25.65 -9.02
CA ALA E 97 10.30 -24.58 -8.05
C ALA E 97 8.83 -24.37 -7.70
N ARG E 98 8.58 -23.49 -6.74
CA ARG E 98 7.23 -23.15 -6.32
C ARG E 98 7.19 -21.69 -5.91
N CYS E 99 6.12 -21.00 -6.30
CA CYS E 99 5.99 -19.59 -5.97
C CYS E 99 5.78 -19.45 -4.46
N PRO E 100 6.36 -18.41 -3.84
CA PRO E 100 6.38 -18.38 -2.37
C PRO E 100 5.02 -18.26 -1.71
N ALA E 101 4.08 -17.54 -2.31
CA ALA E 101 2.84 -17.28 -1.60
C ALA E 101 1.65 -17.86 -2.34
N PRO E 102 0.60 -18.26 -1.62
CA PRO E 102 -0.60 -18.78 -2.29
C PRO E 102 -1.51 -17.68 -2.77
N PHE E 103 -2.36 -18.03 -3.75
CA PHE E 103 -3.40 -17.17 -4.27
C PHE E 103 -2.86 -15.87 -4.86
N THR E 104 -1.59 -15.85 -5.27
CA THR E 104 -1.00 -14.69 -5.92
C THR E 104 -0.54 -15.10 -7.32
N ARG E 105 -0.94 -14.30 -8.31
CA ARG E 105 -0.53 -14.56 -9.68
C ARG E 105 0.90 -14.13 -9.96
N ASP E 106 1.53 -13.42 -9.03
CA ASP E 106 2.92 -13.02 -9.15
C ASP E 106 3.75 -13.79 -8.13
N CYS E 107 4.96 -14.16 -8.54
CA CYS E 107 5.91 -14.73 -7.60
C CYS E 107 7.31 -14.32 -8.01
N PHE E 108 7.98 -13.61 -7.11
CA PHE E 108 9.19 -12.88 -7.46
C PHE E 108 10.40 -13.79 -7.65
N ASP E 109 10.82 -14.45 -6.59
CA ASP E 109 12.14 -15.06 -6.53
C ASP E 109 12.13 -16.55 -6.77
N VAL E 110 12.13 -16.94 -8.04
CA VAL E 110 12.19 -18.36 -8.38
C VAL E 110 13.50 -18.72 -9.07
N THR E 111 13.97 -17.83 -9.94
CA THR E 111 15.25 -17.99 -10.61
C THR E 111 16.30 -17.26 -9.79
N SER E 112 16.66 -17.86 -8.66
CA SER E 112 17.68 -17.29 -7.78
C SER E 112 18.57 -18.40 -7.26
N THR E 113 19.81 -18.04 -6.93
CA THR E 113 20.80 -19.04 -6.56
C THR E 113 20.49 -19.72 -5.23
N THR E 114 19.72 -19.08 -4.36
CA THR E 114 19.46 -19.59 -3.02
C THR E 114 17.98 -19.54 -2.69
N TYR E 115 17.16 -20.09 -3.57
CA TYR E 115 15.74 -20.21 -3.27
C TYR E 115 15.50 -21.33 -2.26
N ALA E 116 14.38 -21.24 -1.56
CA ALA E 116 14.07 -22.16 -0.48
C ALA E 116 12.99 -23.18 -0.80
N TYR E 117 12.10 -22.89 -1.74
CA TYR E 117 11.00 -23.78 -2.09
C TYR E 117 11.19 -24.42 -3.46
N ARG E 118 12.41 -24.82 -3.78
CA ARG E 118 12.69 -25.55 -5.01
C ARG E 118 13.35 -26.88 -4.65
N GLY E 119 13.16 -27.87 -5.52
CA GLY E 119 13.64 -29.21 -5.26
C GLY E 119 15.11 -29.37 -5.56
N GLN E 120 15.55 -30.63 -5.50
CA GLN E 120 16.93 -30.97 -5.79
C GLN E 120 17.11 -31.13 -7.29
N GLY E 121 18.29 -31.61 -7.70
CA GLY E 121 18.59 -31.71 -9.11
C GLY E 121 17.87 -32.88 -9.78
N THR E 122 17.76 -32.78 -11.10
CA THR E 122 17.25 -33.85 -11.95
C THR E 122 18.08 -33.82 -13.23
N GLN E 123 19.14 -34.62 -13.26
CA GLN E 123 20.09 -34.57 -14.36
C GLN E 123 19.44 -34.99 -15.67
N VAL E 124 19.60 -34.15 -16.69
CA VAL E 124 19.13 -34.44 -18.03
C VAL E 124 20.26 -34.12 -19.00
N THR E 125 20.68 -35.12 -19.78
CA THR E 125 21.74 -34.94 -20.76
C THR E 125 21.29 -35.46 -22.10
N VAL E 126 21.81 -34.85 -23.17
CA VAL E 126 21.48 -35.23 -24.54
C VAL E 126 22.79 -35.42 -25.30
N SER E 127 22.93 -36.57 -25.96
CA SER E 127 24.13 -36.86 -26.73
C SER E 127 23.84 -37.90 -27.81
#